data_3W5D
#
_entry.id   3W5D
#
_cell.length_a   71.248
_cell.length_b   71.248
_cell.length_c   587.086
_cell.angle_alpha   90.00
_cell.angle_beta   90.00
_cell.angle_gamma   90.00
#
_symmetry.space_group_name_H-M   'P 41 21 2'
#
loop_
_entity.id
_entity.type
_entity.pdbx_description
1 polymer SERCA1a
2 non-polymer 'SODIUM ION'
3 non-polymer PHOSPHATIDYLETHANOLAMINE
4 non-polymer 'SULFATE ION'
5 water water
#
_entity_poly.entity_id   1
_entity_poly.type   'polypeptide(L)'
_entity_poly.pdbx_seq_one_letter_code
;(ACE)MEAAHSKSTEECLAYFGVSETTGLTPDQVKRHLEKYGHNELPAEEGKSLWELVIEQFEDLLVRILLLAACISFVL
AWFEEGEETITAFVEPFVILLILIANAIVGVWQERNAENAIEALKEYEPEMGKVYRADRKSVQRIKARDIVPGDIVEVAV
GDKVPADIRILSIKSTTLRVDQSILTGESVSVIKHTEPVPDPRAVNQDKKNMLFSGTNIAAGKALGIVATTGVSTEIGKI
RDQMAATEQDKTPLQQKLDEFGEQLSKVISLICVAVWLINIGHFNDPVHGGSWIRGAIYYFKIAVALAVAAIPEGLPAVI
TTCLALGTRRMAKKNAIVRSLPSVETLGCTSVICSDKTGTLTTNQMSVCKMFIIDKVDGDFCSLNEFSITGSTYAPEGEV
LKNDKPIRSGQFDGLVELATICALCNDSSLDFNETKGVYEKVGEATETALTTLVEKMNVFNTEVRNLSKVERANACNSVI
RQLMKKEFTLEFSRDRKSMSVYCSPAKSSRAAVGNKMFVKGAPEGVIDRCNYVRVGTTRVPMTGPVKEKILSVIKEWGTG
RDTLRCLALATRDTPPKREEMVLDDSSRFMEYETDLTFVGVVGMLDPPRKEVMGSIQLCRDAGIRVIMITGDNKGTAIAI
CRRIGIFGENEEVADRAYTGREFDDLPLAEQREACRRACCFARVEPSHKSKIVEYLQSYDEITAMTGDGVNDAPALKKAE
IGIAMGSGTAVAKTASEMVLADDNFSTIVAAVEEGRAIYNNMKQFIRYLISSNVGEVVCIFLTAALGLPEALIPVQLLWV
NLVTDGLPATALGFNPPDLDIMDRPPRSPKEPLISGWLFFRYMAIGGYVGAATVGAAAWWFMYAEDGPGVTYHQLTHFMQ
CTEDHPHFEGLDCEIFEAPEPMTMALSVLVTIEMCNALNSLSENQSLMRMPPWVNIWLLGSICLSMSLHFLILYVDPLPM
IFKLKALDLTQWLMVLKISLPVIGLDEILKFIARNYLEG
;
_entity_poly.pdbx_strand_id   A
#
loop_
_chem_comp.id
_chem_comp.type
_chem_comp.name
_chem_comp.formula
ACE non-polymer 'ACETYL GROUP' 'C2 H4 O'
NA non-polymer 'SODIUM ION' 'Na 1'
PTY non-polymer PHOSPHATIDYLETHANOLAMINE 'C40 H80 N O8 P'
SO4 non-polymer 'SULFATE ION' 'O4 S -2'
#
# COMPACT_ATOMS: atom_id res chain seq x y z
C ACE A 1 31.32 -16.22 -4.22
O ACE A 1 32.08 -15.32 -4.56
CH3 ACE A 1 30.79 -16.31 -2.81
N MET A 2 30.45 -16.69 -5.08
CA MET A 2 30.65 -16.55 -6.54
C MET A 2 29.42 -15.94 -7.22
N GLU A 3 29.37 -14.62 -7.33
CA GLU A 3 28.19 -13.90 -7.85
C GLU A 3 27.86 -14.18 -9.33
N ALA A 4 28.89 -14.46 -10.14
CA ALA A 4 28.69 -14.63 -11.58
C ALA A 4 28.51 -16.09 -12.07
N ALA A 5 28.30 -17.01 -11.14
CA ALA A 5 28.16 -18.46 -11.42
C ALA A 5 27.40 -18.87 -12.69
N HIS A 6 26.30 -18.18 -12.99
CA HIS A 6 25.51 -18.47 -14.19
C HIS A 6 26.25 -18.37 -15.48
N SER A 7 27.17 -17.40 -15.54
CA SER A 7 27.97 -17.15 -16.75
C SER A 7 29.25 -18.01 -16.78
N LYS A 8 29.51 -18.77 -15.72
CA LYS A 8 30.63 -19.68 -15.69
C LYS A 8 30.19 -21.11 -16.07
N SER A 9 31.12 -21.92 -16.56
CA SER A 9 30.89 -23.33 -16.82
C SER A 9 30.87 -24.03 -15.49
N THR A 10 30.32 -25.26 -15.47
CA THR A 10 30.22 -26.07 -14.28
C THR A 10 31.63 -26.41 -13.75
N GLU A 11 32.57 -26.58 -14.67
CA GLU A 11 33.97 -26.87 -14.33
C GLU A 11 34.64 -25.68 -13.64
N GLU A 12 34.40 -24.49 -14.17
CA GLU A 12 34.92 -23.25 -13.53
C GLU A 12 34.39 -23.05 -12.10
N CYS A 13 33.12 -23.36 -11.86
CA CYS A 13 32.57 -23.23 -10.50
C CYS A 13 33.18 -24.26 -9.58
N LEU A 14 33.40 -25.47 -10.08
CA LEU A 14 34.09 -26.47 -9.26
C LEU A 14 35.54 -26.07 -8.99
N ALA A 15 36.21 -25.59 -10.02
CA ALA A 15 37.60 -25.13 -9.90
C ALA A 15 37.69 -24.00 -8.89
N TYR A 16 36.84 -22.99 -9.07
CA TYR A 16 36.84 -21.83 -8.19
C TYR A 16 36.80 -22.20 -6.71
N PHE A 17 35.98 -23.18 -6.37
CA PHE A 17 35.85 -23.50 -4.97
C PHE A 17 36.79 -24.64 -4.52
N GLY A 18 37.54 -25.22 -5.47
CA GLY A 18 38.38 -26.39 -5.21
C GLY A 18 37.63 -27.56 -4.57
N VAL A 19 36.46 -27.89 -5.13
CA VAL A 19 35.59 -28.92 -4.55
C VAL A 19 35.40 -30.03 -5.58
N SER A 20 35.21 -31.25 -5.08
CA SER A 20 35.00 -32.40 -5.96
C SER A 20 33.52 -32.70 -6.08
N GLU A 21 33.00 -32.73 -7.31
CA GLU A 21 31.58 -32.98 -7.57
C GLU A 21 31.13 -34.35 -7.01
N THR A 22 32.08 -35.29 -6.83
CA THR A 22 31.72 -36.64 -6.36
C THR A 22 31.91 -36.85 -4.86
N THR A 23 32.71 -36.02 -4.21
CA THR A 23 32.90 -36.13 -2.76
C THR A 23 32.40 -34.90 -2.00
N GLY A 24 32.30 -33.77 -2.68
CA GLY A 24 31.96 -32.50 -2.03
C GLY A 24 33.05 -31.92 -1.13
N LEU A 25 32.68 -30.90 -0.39
CA LEU A 25 33.65 -30.20 0.47
C LEU A 25 34.18 -31.10 1.57
N THR A 26 35.41 -30.84 2.01
CA THR A 26 35.99 -31.61 3.12
C THR A 26 35.68 -30.89 4.42
N PRO A 27 35.85 -31.58 5.56
CA PRO A 27 35.54 -30.89 6.83
C PRO A 27 36.39 -29.63 7.10
N ASP A 28 37.55 -29.52 6.45
CA ASP A 28 38.38 -28.32 6.60
C ASP A 28 37.85 -27.21 5.74
N GLN A 29 37.44 -27.55 4.53
CA GLN A 29 36.80 -26.60 3.63
C GLN A 29 35.52 -26.07 4.28
N VAL A 30 34.68 -26.98 4.78
CA VAL A 30 33.46 -26.60 5.50
C VAL A 30 33.73 -25.54 6.57
N LYS A 31 34.74 -25.78 7.41
CA LYS A 31 35.11 -24.82 8.46
C LYS A 31 35.55 -23.48 7.89
N ARG A 32 36.55 -23.51 7.01
CA ARG A 32 37.10 -22.32 6.41
C ARG A 32 36.03 -21.49 5.69
N HIS A 33 35.24 -22.15 4.85
CA HIS A 33 34.16 -21.54 4.07
C HIS A 33 33.15 -20.87 4.97
N LEU A 34 32.80 -21.55 6.05
CA LEU A 34 31.88 -21.04 7.06
C LEU A 34 32.42 -19.81 7.79
N GLU A 35 33.74 -19.74 7.94
CA GLU A 35 34.39 -18.65 8.63
C GLU A 35 34.42 -17.44 7.73
N LYS A 36 34.62 -17.70 6.44
CA LYS A 36 34.73 -16.67 5.43
C LYS A 36 33.36 -16.08 5.04
N TYR A 37 32.36 -16.95 4.84
CA TYR A 37 31.08 -16.49 4.31
C TYR A 37 29.97 -16.36 5.36
N GLY A 38 30.17 -16.90 6.56
CA GLY A 38 29.13 -16.89 7.57
C GLY A 38 28.11 -18.01 7.31
N HIS A 39 27.11 -18.10 8.18
CA HIS A 39 26.03 -19.06 8.06
C HIS A 39 25.09 -18.66 6.95
N ASN A 40 24.30 -19.63 6.50
CA ASN A 40 23.37 -19.41 5.40
C ASN A 40 22.02 -18.91 5.91
N GLU A 41 21.91 -17.61 6.11
CA GLU A 41 20.70 -17.01 6.70
C GLU A 41 20.74 -15.49 6.80
N LEU A 42 19.60 -14.88 6.47
CA LEU A 42 19.36 -13.45 6.64
C LEU A 42 19.54 -13.10 8.10
N PRO A 43 20.07 -11.89 8.40
CA PRO A 43 20.33 -11.55 9.80
C PRO A 43 19.05 -11.39 10.59
N ALA A 44 19.16 -11.52 11.91
CA ALA A 44 18.03 -11.38 12.82
C ALA A 44 17.56 -9.93 12.90
N GLU A 45 16.26 -9.74 13.08
CA GLU A 45 15.70 -8.44 13.44
C GLU A 45 16.26 -7.96 14.78
N GLU A 46 16.25 -6.65 14.99
CA GLU A 46 16.76 -6.04 16.22
C GLU A 46 16.08 -6.58 17.48
N GLY A 47 16.87 -6.75 18.55
CA GLY A 47 16.37 -7.28 19.80
C GLY A 47 15.58 -6.27 20.63
N LYS A 48 14.57 -5.67 20.01
CA LYS A 48 13.69 -4.69 20.69
C LYS A 48 12.91 -5.34 21.84
N SER A 49 13.35 -5.05 23.07
CA SER A 49 12.78 -5.66 24.27
C SER A 49 11.58 -4.91 24.80
N LEU A 50 10.71 -5.63 25.51
CA LEU A 50 9.54 -5.06 26.16
C LEU A 50 9.89 -3.82 27.00
N TRP A 51 10.94 -3.94 27.82
CA TRP A 51 11.42 -2.86 28.65
C TRP A 51 11.77 -1.64 27.84
N GLU A 52 12.46 -1.86 26.72
CA GLU A 52 12.80 -0.77 25.78
C GLU A 52 11.55 -0.22 25.12
N LEU A 53 10.60 -1.10 24.83
CA LEU A 53 9.35 -0.72 24.20
C LEU A 53 8.53 0.18 25.12
N VAL A 54 8.46 -0.19 26.40
CA VAL A 54 7.79 0.61 27.42
C VAL A 54 8.44 2.00 27.55
N ILE A 55 9.77 2.04 27.46
CA ILE A 55 10.52 3.29 27.54
C ILE A 55 10.16 4.24 26.39
N GLU A 56 9.97 3.68 25.20
CA GLU A 56 9.66 4.45 23.98
C GLU A 56 8.33 5.17 24.05
N GLN A 57 7.45 4.65 24.91
CA GLN A 57 6.12 5.22 25.12
C GLN A 57 6.17 6.50 25.93
N PHE A 58 7.35 6.85 26.42
CA PHE A 58 7.56 8.06 27.23
C PHE A 58 8.58 9.00 26.60
N GLU A 59 8.73 8.91 25.27
CA GLU A 59 9.73 9.70 24.56
C GLU A 59 9.18 11.01 24.01
N ASP A 60 7.93 10.97 23.52
CA ASP A 60 7.23 12.16 22.99
C ASP A 60 7.25 13.32 23.98
N LEU A 61 7.49 14.53 23.46
CA LEU A 61 7.57 15.72 24.32
C LEU A 61 6.34 15.95 25.22
N LEU A 62 5.15 15.71 24.67
CA LEU A 62 3.91 15.97 25.40
C LEU A 62 3.66 14.98 26.53
N VAL A 63 4.03 13.71 26.33
CA VAL A 63 3.89 12.71 27.39
C VAL A 63 4.90 12.94 28.52
N ARG A 64 6.05 13.55 28.20
CA ARG A 64 7.02 13.98 29.20
C ARG A 64 6.42 15.08 30.08
N ILE A 65 5.90 16.13 29.43
CA ILE A 65 5.23 17.22 30.12
C ILE A 65 4.20 16.64 31.10
N LEU A 66 3.36 15.73 30.59
CA LEU A 66 2.31 15.17 31.42
C LEU A 66 2.90 14.37 32.59
N LEU A 67 3.95 13.61 32.31
CA LEU A 67 4.61 12.86 33.38
C LEU A 67 5.13 13.84 34.42
N LEU A 68 5.86 14.86 33.96
CA LEU A 68 6.35 15.89 34.85
C LEU A 68 5.20 16.41 35.71
N ALA A 69 4.13 16.86 35.05
CA ALA A 69 2.98 17.42 35.73
C ALA A 69 2.32 16.47 36.71
N ALA A 70 2.39 15.17 36.43
CA ALA A 70 1.95 14.15 37.39
C ALA A 70 2.81 14.13 38.66
N CYS A 71 4.12 14.33 38.50
CA CYS A 71 5.07 14.35 39.62
C CYS A 71 4.83 15.52 40.54
N ILE A 72 4.59 16.68 39.94
CA ILE A 72 4.30 17.88 40.69
C ILE A 72 2.98 17.66 41.42
N SER A 73 1.97 17.20 40.68
CA SER A 73 0.65 16.85 41.23
C SER A 73 0.76 15.87 42.41
N PHE A 74 1.62 14.87 42.27
CA PHE A 74 1.89 13.89 43.30
C PHE A 74 2.54 14.52 44.55
N VAL A 75 3.60 15.31 44.34
CA VAL A 75 4.25 16.02 45.45
C VAL A 75 3.29 16.96 46.17
N LEU A 76 2.44 17.66 45.42
CA LEU A 76 1.44 18.54 46.01
C LEU A 76 0.39 17.78 46.82
N ALA A 77 -0.12 16.68 46.27
CA ALA A 77 -1.11 15.85 46.95
C ALA A 77 -0.46 15.07 48.10
N TRP A 78 0.77 15.44 48.41
CA TRP A 78 1.51 14.84 49.52
C TRP A 78 1.83 15.94 50.49
N PHE A 79 2.50 16.98 50.00
CA PHE A 79 2.87 18.15 50.81
C PHE A 79 1.66 19.09 50.97
N GLU A 80 0.50 18.49 51.25
CA GLU A 80 -0.72 19.23 51.55
C GLU A 80 -1.38 18.68 52.82
N GLU A 81 -1.83 19.58 53.68
CA GLU A 81 -2.45 19.26 54.96
C GLU A 81 -3.96 19.05 54.84
N GLY A 82 -4.51 18.20 55.75
CA GLY A 82 -5.93 17.90 55.76
C GLY A 82 -6.19 16.43 56.07
N GLU A 83 -7.43 15.99 55.84
CA GLU A 83 -7.81 14.60 56.05
C GLU A 83 -8.50 13.98 54.82
N GLU A 84 -9.02 14.82 53.93
CA GLU A 84 -9.65 14.38 52.70
C GLU A 84 -8.62 13.87 51.67
N THR A 85 -8.26 12.60 51.82
CA THR A 85 -7.30 11.92 50.93
C THR A 85 -7.99 11.25 49.74
N ILE A 86 -9.26 10.88 49.93
CA ILE A 86 -10.07 10.24 48.90
C ILE A 86 -10.45 11.22 47.78
N THR A 87 -10.05 12.48 47.95
CA THR A 87 -10.26 13.52 46.94
C THR A 87 -9.00 14.39 46.72
N ALA A 88 -7.85 13.86 47.14
CA ALA A 88 -6.56 14.56 47.02
C ALA A 88 -5.62 13.91 46.00
N PHE A 89 -5.45 12.59 46.14
CA PHE A 89 -4.57 11.81 45.26
C PHE A 89 -5.25 11.35 43.97
N VAL A 90 -6.52 11.69 43.80
CA VAL A 90 -7.25 11.33 42.58
C VAL A 90 -6.51 11.90 41.36
N GLU A 91 -6.29 13.21 41.39
CA GLU A 91 -5.60 13.90 40.29
C GLU A 91 -4.32 13.17 39.83
N PRO A 92 -3.26 13.15 40.67
CA PRO A 92 -2.01 12.55 40.20
C PRO A 92 -2.18 11.12 39.69
N PHE A 93 -3.07 10.37 40.32
CA PHE A 93 -3.37 9.01 39.86
C PHE A 93 -3.99 9.02 38.46
N VAL A 94 -4.99 9.89 38.25
CA VAL A 94 -5.69 10.00 36.96
C VAL A 94 -4.70 10.28 35.83
N ILE A 95 -3.77 11.21 36.06
CA ILE A 95 -2.75 11.53 35.06
C ILE A 95 -1.86 10.33 34.79
N LEU A 96 -1.45 9.61 35.83
CA LEU A 96 -0.62 8.44 35.67
C LEU A 96 -1.36 7.33 34.89
N LEU A 97 -2.63 7.11 35.24
CA LEU A 97 -3.45 6.09 34.57
C LEU A 97 -3.57 6.33 33.05
N ILE A 98 -3.75 7.59 32.64
CA ILE A 98 -3.73 7.94 31.22
C ILE A 98 -2.40 7.57 30.57
N LEU A 99 -1.29 7.82 31.26
CA LEU A 99 0.02 7.52 30.69
C LEU A 99 0.28 6.02 30.60
N ILE A 100 -0.25 5.28 31.57
CA ILE A 100 -0.18 3.82 31.59
C ILE A 100 -0.99 3.20 30.45
N ALA A 101 -2.25 3.61 30.33
CA ALA A 101 -3.10 3.21 29.20
C ALA A 101 -2.45 3.55 27.85
N ASN A 102 -1.83 4.72 27.79
CA ASN A 102 -1.16 5.21 26.60
C ASN A 102 -0.01 4.29 26.24
N ALA A 103 0.85 4.03 27.22
CA ALA A 103 1.96 3.12 27.06
C ALA A 103 1.49 1.69 26.82
N ILE A 104 0.43 1.26 27.51
CA ILE A 104 -0.14 -0.06 27.25
C ILE A 104 -0.44 -0.20 25.76
N VAL A 105 -1.27 0.71 25.24
CA VAL A 105 -1.71 0.63 23.86
C VAL A 105 -0.49 0.58 22.94
N GLY A 106 0.45 1.51 23.14
CA GLY A 106 1.65 1.56 22.32
C GLY A 106 2.33 0.21 22.17
N VAL A 107 2.42 -0.50 23.30
CA VAL A 107 3.02 -1.84 23.35
C VAL A 107 2.17 -2.88 22.62
N TRP A 108 0.85 -2.79 22.78
CA TRP A 108 -0.11 -3.69 22.11
C TRP A 108 0.00 -3.56 20.61
N GLN A 109 0.31 -2.36 20.13
CA GLN A 109 0.50 -2.09 18.71
C GLN A 109 1.71 -2.82 18.13
N GLU A 110 2.84 -2.74 18.82
CA GLU A 110 4.08 -3.39 18.40
C GLU A 110 4.03 -4.92 18.41
N ARG A 111 3.48 -5.51 19.47
CA ARG A 111 3.33 -6.98 19.55
C ARG A 111 2.55 -7.51 18.34
N ASN A 112 1.69 -6.67 17.77
CA ASN A 112 0.84 -7.06 16.65
C ASN A 112 1.35 -6.62 15.26
N ALA A 113 2.41 -5.83 15.25
CA ALA A 113 3.03 -5.36 14.02
C ALA A 113 4.02 -6.37 13.44
N GLU A 114 3.87 -6.71 12.16
CA GLU A 114 4.85 -7.57 11.49
C GLU A 114 5.54 -6.85 10.34
N ASN A 115 6.87 -6.88 10.35
CA ASN A 115 7.65 -6.28 9.28
C ASN A 115 7.93 -7.25 8.13
N ALA A 116 8.09 -6.69 6.93
CA ALA A 116 8.29 -7.47 5.74
C ALA A 116 9.61 -8.25 5.73
N ILE A 117 10.65 -7.61 6.29
CA ILE A 117 11.97 -8.24 6.41
C ILE A 117 11.90 -9.59 7.16
N GLU A 118 10.98 -9.71 8.12
CA GLU A 118 10.83 -10.96 8.84
C GLU A 118 9.99 -11.97 8.09
N ALA A 119 9.21 -11.48 7.12
CA ALA A 119 8.36 -12.34 6.30
C ALA A 119 9.19 -13.07 5.26
N LEU A 120 10.27 -12.42 4.81
CA LEU A 120 11.27 -13.03 3.96
C LEU A 120 11.76 -14.37 4.48
N LYS A 121 11.96 -14.47 5.79
CA LYS A 121 12.46 -15.70 6.44
C LYS A 121 11.52 -16.91 6.31
N GLU A 122 10.30 -16.69 5.86
CA GLU A 122 9.34 -17.76 5.65
C GLU A 122 9.81 -18.64 4.50
N TYR A 123 10.61 -18.06 3.59
CA TYR A 123 11.13 -18.77 2.42
C TYR A 123 12.48 -19.46 2.65
N GLU A 124 13.05 -19.34 3.84
CA GLU A 124 14.21 -20.14 4.13
C GLU A 124 13.83 -21.44 4.83
N PRO A 125 14.06 -22.59 4.15
CA PRO A 125 13.74 -23.91 4.67
C PRO A 125 14.63 -24.24 5.87
N GLU A 126 14.21 -25.21 6.67
CA GLU A 126 14.98 -25.57 7.85
C GLU A 126 16.19 -26.42 7.46
N MET A 127 16.00 -27.28 6.46
CA MET A 127 16.96 -28.32 6.10
C MET A 127 17.36 -28.28 4.65
N GLY A 128 18.54 -28.80 4.35
CA GLY A 128 18.99 -29.01 2.97
C GLY A 128 19.84 -30.26 2.87
N LYS A 129 20.12 -30.67 1.64
CA LYS A 129 20.83 -31.92 1.38
C LYS A 129 22.12 -31.71 0.61
N VAL A 130 23.25 -32.10 1.22
CA VAL A 130 24.57 -31.94 0.62
C VAL A 130 25.36 -33.26 0.54
N TYR A 131 26.41 -33.25 -0.29
CA TYR A 131 27.44 -34.28 -0.27
C TYR A 131 28.73 -33.66 0.26
N ARG A 132 29.24 -34.22 1.35
CA ARG A 132 30.54 -33.84 1.90
C ARG A 132 31.51 -35.04 1.99
N ALA A 133 32.80 -34.79 1.84
CA ALA A 133 33.84 -35.84 1.79
C ALA A 133 33.86 -36.83 2.96
N ASP A 134 33.36 -36.42 4.13
CA ASP A 134 33.34 -37.30 5.29
C ASP A 134 32.22 -38.35 5.28
N ARG A 135 31.48 -38.45 4.17
CA ARG A 135 30.43 -39.47 4.00
C ARG A 135 30.17 -39.76 2.54
N LYS A 136 29.59 -40.93 2.29
CA LYS A 136 29.34 -41.42 0.95
C LYS A 136 27.91 -41.05 0.52
N SER A 137 26.93 -41.40 1.34
CA SER A 137 25.55 -41.13 1.02
C SER A 137 25.20 -39.70 1.40
N VAL A 138 24.19 -39.13 0.73
CA VAL A 138 23.74 -37.75 0.97
C VAL A 138 23.38 -37.53 2.43
N GLN A 139 23.73 -36.35 2.95
CA GLN A 139 23.36 -35.99 4.32
C GLN A 139 22.44 -34.77 4.39
N ARG A 140 21.37 -34.90 5.16
CA ARG A 140 20.46 -33.78 5.34
C ARG A 140 20.80 -32.96 6.58
N ILE A 141 21.38 -31.80 6.34
CA ILE A 141 21.81 -30.90 7.40
C ILE A 141 20.92 -29.66 7.41
N LYS A 142 21.13 -28.79 8.39
CA LYS A 142 20.38 -27.55 8.50
C LYS A 142 20.83 -26.55 7.46
N ALA A 143 19.86 -25.88 6.85
CA ALA A 143 20.09 -24.99 5.70
C ALA A 143 21.05 -23.84 6.03
N ARG A 144 21.09 -23.45 7.30
CA ARG A 144 22.00 -22.42 7.78
C ARG A 144 23.46 -22.90 7.86
N ASP A 145 23.66 -24.22 7.83
CA ASP A 145 24.99 -24.81 7.86
C ASP A 145 25.60 -24.99 6.47
N ILE A 146 24.83 -24.68 5.44
CA ILE A 146 25.26 -24.78 4.05
C ILE A 146 26.15 -23.56 3.75
N VAL A 147 27.06 -23.72 2.80
CA VAL A 147 28.08 -22.71 2.54
C VAL A 147 28.38 -22.69 1.06
N PRO A 148 28.95 -21.58 0.56
CA PRO A 148 29.31 -21.60 -0.84
C PRO A 148 30.31 -22.73 -1.11
N GLY A 149 30.25 -23.32 -2.30
CA GLY A 149 31.07 -24.49 -2.62
C GLY A 149 30.43 -25.82 -2.27
N ASP A 150 29.49 -25.87 -1.31
CA ASP A 150 28.81 -27.15 -1.01
C ASP A 150 28.22 -27.77 -2.28
N ILE A 151 28.44 -29.06 -2.47
CA ILE A 151 27.69 -29.81 -3.49
C ILE A 151 26.35 -30.13 -2.85
N VAL A 152 25.25 -29.73 -3.52
CA VAL A 152 23.88 -29.92 -2.98
C VAL A 152 22.96 -30.68 -3.93
N GLU A 153 21.95 -31.30 -3.34
CA GLU A 153 20.97 -32.09 -4.07
C GLU A 153 19.56 -31.57 -3.79
N VAL A 154 18.77 -31.38 -4.84
CA VAL A 154 17.35 -30.98 -4.64
C VAL A 154 16.44 -31.90 -5.45
N ALA A 155 15.20 -32.05 -4.99
CA ALA A 155 14.21 -32.86 -5.72
C ALA A 155 12.81 -32.28 -5.56
N VAL A 156 11.93 -32.57 -6.52
CA VAL A 156 10.52 -32.17 -6.46
C VAL A 156 10.06 -31.98 -5.02
N GLY A 157 9.45 -30.83 -4.74
CA GLY A 157 8.92 -30.53 -3.40
C GLY A 157 9.86 -29.80 -2.48
N ASP A 158 11.15 -29.79 -2.83
CA ASP A 158 12.15 -29.11 -2.01
C ASP A 158 12.08 -27.60 -2.20
N LYS A 159 12.30 -26.90 -1.12
CA LYS A 159 12.46 -25.46 -1.19
C LYS A 159 13.97 -25.20 -1.29
N VAL A 160 14.40 -24.61 -2.40
CA VAL A 160 15.84 -24.33 -2.62
C VAL A 160 16.47 -23.58 -1.43
N PRO A 161 17.53 -24.16 -0.82
CA PRO A 161 18.12 -23.62 0.40
C PRO A 161 19.15 -22.50 0.17
N ALA A 162 19.62 -22.31 -1.06
CA ALA A 162 20.64 -21.30 -1.32
C ALA A 162 20.65 -21.05 -2.79
N ASP A 163 21.39 -20.04 -3.23
CA ASP A 163 21.53 -19.81 -4.65
C ASP A 163 22.53 -20.79 -5.22
N ILE A 164 22.12 -21.57 -6.20
CA ILE A 164 22.89 -22.75 -6.60
C ILE A 164 23.02 -22.81 -8.08
N ARG A 165 24.25 -23.13 -8.50
CA ARG A 165 24.60 -23.32 -9.89
C ARG A 165 24.37 -24.80 -10.17
N ILE A 166 23.51 -25.12 -11.13
CA ILE A 166 23.15 -26.52 -11.40
C ILE A 166 24.31 -27.24 -12.08
N LEU A 167 24.80 -28.33 -11.49
CA LEU A 167 25.88 -29.10 -12.12
C LEU A 167 25.34 -30.20 -13.00
N SER A 168 24.37 -30.94 -12.49
CA SER A 168 23.91 -32.17 -13.11
C SER A 168 22.43 -32.39 -12.82
N ILE A 169 21.66 -32.55 -13.90
CA ILE A 169 20.24 -32.86 -13.81
C ILE A 169 20.07 -34.37 -13.91
N LYS A 170 19.73 -34.99 -12.78
CA LYS A 170 19.55 -36.44 -12.70
C LYS A 170 18.30 -36.93 -13.43
N SER A 171 17.17 -36.29 -13.20
CA SER A 171 15.90 -36.62 -13.88
C SER A 171 15.94 -36.24 -15.36
N THR A 172 14.82 -36.48 -16.07
CA THR A 172 14.70 -36.16 -17.50
C THR A 172 14.75 -34.66 -17.76
N THR A 173 13.98 -33.90 -16.99
CA THR A 173 14.05 -32.47 -17.01
C THR A 173 13.95 -32.01 -15.57
N LEU A 174 14.20 -30.72 -15.37
CA LEU A 174 14.03 -30.10 -14.06
C LEU A 174 13.13 -28.87 -14.19
N ARG A 175 12.17 -28.75 -13.28
CA ARG A 175 11.20 -27.66 -13.29
C ARG A 175 11.15 -26.94 -11.96
N VAL A 176 11.09 -25.62 -12.03
CA VAL A 176 11.15 -24.82 -10.83
C VAL A 176 9.98 -23.84 -10.79
N ASP A 177 9.43 -23.69 -9.60
CA ASP A 177 8.48 -22.65 -9.31
C ASP A 177 9.24 -21.44 -8.77
N GLN A 178 9.49 -20.48 -9.64
CA GLN A 178 10.16 -19.25 -9.24
C GLN A 178 9.19 -18.10 -9.09
N SER A 179 7.90 -18.40 -8.96
CA SER A 179 6.89 -17.32 -9.00
C SER A 179 7.28 -16.15 -8.09
N ILE A 180 7.75 -16.49 -6.89
CA ILE A 180 8.02 -15.53 -5.85
C ILE A 180 9.15 -14.53 -6.14
N LEU A 181 9.92 -14.77 -7.19
CA LEU A 181 11.12 -13.97 -7.51
C LEU A 181 11.15 -13.36 -8.89
N THR A 182 10.52 -14.03 -9.84
CA THR A 182 10.53 -13.56 -11.23
C THR A 182 9.11 -13.26 -11.78
N GLY A 183 8.07 -13.61 -11.03
CA GLY A 183 6.70 -13.45 -11.52
C GLY A 183 6.29 -14.39 -12.66
N GLU A 184 7.17 -15.33 -13.01
CA GLU A 184 6.84 -16.48 -13.85
C GLU A 184 6.08 -17.51 -12.99
N SER A 185 4.75 -17.50 -13.07
CA SER A 185 3.94 -18.34 -12.17
C SER A 185 3.89 -19.81 -12.59
N VAL A 186 4.08 -20.05 -13.88
CA VAL A 186 4.25 -21.40 -14.41
C VAL A 186 5.69 -21.87 -14.15
N SER A 187 5.85 -23.15 -13.86
CA SER A 187 7.16 -23.71 -13.58
C SER A 187 8.10 -23.50 -14.78
N VAL A 188 9.34 -23.11 -14.51
CA VAL A 188 10.32 -22.90 -15.58
C VAL A 188 11.30 -24.06 -15.68
N ILE A 189 11.73 -24.34 -16.91
CA ILE A 189 12.70 -25.41 -17.17
C ILE A 189 14.14 -24.87 -17.02
N LYS A 190 14.97 -25.67 -16.35
CA LYS A 190 16.36 -25.34 -16.06
C LYS A 190 17.34 -26.18 -16.89
N HIS A 191 18.52 -25.65 -17.18
CA HIS A 191 19.58 -26.39 -17.90
C HIS A 191 20.90 -26.34 -17.17
N THR A 192 21.98 -26.79 -17.81
CA THR A 192 23.27 -26.75 -17.11
C THR A 192 24.34 -25.97 -17.89
N GLU A 193 24.05 -25.61 -19.14
CA GLU A 193 24.96 -24.82 -19.96
C GLU A 193 25.17 -23.41 -19.36
N PRO A 194 26.36 -22.83 -19.54
CA PRO A 194 26.54 -21.46 -19.00
C PRO A 194 25.72 -20.39 -19.75
N VAL A 195 25.26 -19.38 -19.01
CA VAL A 195 24.57 -18.26 -19.62
C VAL A 195 25.58 -17.10 -19.83
N PRO A 196 25.94 -16.80 -21.08
CA PRO A 196 27.06 -15.90 -21.47
C PRO A 196 27.04 -14.49 -20.88
N ASP A 197 25.90 -13.81 -20.92
CA ASP A 197 25.82 -12.46 -20.42
C ASP A 197 26.02 -12.38 -18.90
N PRO A 198 27.12 -11.74 -18.45
CA PRO A 198 27.40 -11.70 -17.00
C PRO A 198 26.42 -10.81 -16.28
N ARG A 199 25.64 -10.04 -17.04
CA ARG A 199 24.66 -9.13 -16.45
C ARG A 199 23.22 -9.58 -16.72
N ALA A 200 23.05 -10.88 -16.93
CA ALA A 200 21.73 -11.49 -17.12
C ALA A 200 20.82 -11.23 -15.93
N VAL A 201 19.59 -10.81 -16.18
CA VAL A 201 18.60 -10.75 -15.11
C VAL A 201 18.21 -12.17 -14.72
N ASN A 202 17.74 -12.34 -13.49
CA ASN A 202 17.32 -13.62 -12.97
C ASN A 202 16.54 -14.52 -13.94
N GLN A 203 15.52 -13.96 -14.60
CA GLN A 203 14.65 -14.68 -15.55
C GLN A 203 15.41 -15.51 -16.61
N ASP A 204 16.56 -14.99 -17.07
CA ASP A 204 17.42 -15.67 -18.05
C ASP A 204 18.57 -16.53 -17.45
N LYS A 205 18.71 -16.57 -16.14
CA LYS A 205 19.69 -17.50 -15.57
C LYS A 205 19.07 -18.92 -15.55
N LYS A 206 18.93 -19.50 -16.74
CA LYS A 206 18.32 -20.80 -16.90
C LYS A 206 19.07 -21.92 -16.25
N ASN A 207 20.28 -21.63 -15.79
CA ASN A 207 21.10 -22.62 -15.08
C ASN A 207 21.21 -22.41 -13.58
N MET A 208 20.35 -21.55 -13.02
CA MET A 208 20.44 -21.28 -11.58
C MET A 208 19.19 -21.67 -10.81
N LEU A 209 19.36 -22.08 -9.56
CA LEU A 209 18.25 -22.24 -8.65
C LEU A 209 18.36 -21.15 -7.60
N PHE A 210 17.26 -20.49 -7.29
CA PHE A 210 17.32 -19.38 -6.39
C PHE A 210 16.78 -19.79 -5.05
N SER A 211 17.57 -19.56 -4.01
CA SER A 211 17.17 -19.80 -2.65
C SER A 211 15.75 -19.26 -2.45
N GLY A 212 14.87 -20.11 -1.93
CA GLY A 212 13.49 -19.72 -1.62
C GLY A 212 12.49 -20.23 -2.64
N THR A 213 12.97 -20.62 -3.82
CA THR A 213 12.09 -21.19 -4.84
C THR A 213 11.88 -22.71 -4.57
N ASN A 214 10.99 -23.34 -5.33
CA ASN A 214 10.64 -24.76 -5.14
C ASN A 214 10.85 -25.54 -6.40
N ILE A 215 11.34 -26.76 -6.25
CA ILE A 215 11.38 -27.68 -7.38
C ILE A 215 9.97 -28.17 -7.66
N ALA A 216 9.54 -28.01 -8.90
CA ALA A 216 8.20 -28.43 -9.27
C ALA A 216 8.21 -29.85 -9.83
N ALA A 217 9.39 -30.29 -10.27
CA ALA A 217 9.57 -31.59 -10.91
C ALA A 217 11.04 -31.83 -11.25
N GLY A 218 11.46 -33.07 -11.06
CA GLY A 218 12.78 -33.49 -11.43
C GLY A 218 13.64 -33.67 -10.22
N LYS A 219 14.90 -34.01 -10.45
CA LYS A 219 15.91 -34.12 -9.40
C LYS A 219 17.21 -33.49 -9.95
N ALA A 220 17.95 -32.77 -9.12
CA ALA A 220 19.18 -32.17 -9.64
C ALA A 220 20.28 -32.05 -8.61
N LEU A 221 21.49 -32.06 -9.13
CA LEU A 221 22.68 -31.84 -8.34
C LEU A 221 23.31 -30.52 -8.73
N GLY A 222 23.72 -29.71 -7.75
CA GLY A 222 24.42 -28.48 -8.04
C GLY A 222 25.40 -28.00 -7.00
N ILE A 223 26.03 -26.86 -7.30
CA ILE A 223 27.00 -26.24 -6.39
C ILE A 223 26.54 -24.86 -5.95
N VAL A 224 26.63 -24.60 -4.65
CA VAL A 224 26.20 -23.38 -4.04
C VAL A 224 27.13 -22.23 -4.42
N ALA A 225 26.54 -21.24 -5.09
CA ALA A 225 27.23 -20.08 -5.59
C ALA A 225 27.29 -18.97 -4.53
N THR A 226 26.20 -18.81 -3.75
CA THR A 226 26.08 -17.77 -2.70
C THR A 226 25.10 -18.18 -1.62
N THR A 227 25.27 -17.60 -0.42
CA THR A 227 24.38 -17.85 0.69
C THR A 227 24.07 -16.52 1.41
N GLY A 228 23.27 -16.61 2.47
CA GLY A 228 22.95 -15.45 3.29
C GLY A 228 22.41 -14.26 2.53
N VAL A 229 23.00 -13.10 2.81
CA VAL A 229 22.51 -11.85 2.29
C VAL A 229 22.99 -11.65 0.86
N SER A 230 23.84 -12.55 0.39
CA SER A 230 24.36 -12.46 -0.99
C SER A 230 23.48 -13.10 -2.07
N THR A 231 22.46 -13.86 -1.67
CA THR A 231 21.55 -14.48 -2.63
C THR A 231 20.59 -13.44 -3.18
N GLU A 232 19.81 -13.81 -4.19
CA GLU A 232 18.87 -12.87 -4.79
C GLU A 232 17.89 -12.29 -3.77
N ILE A 233 17.30 -13.15 -2.93
CA ILE A 233 16.39 -12.69 -1.88
C ILE A 233 17.14 -11.95 -0.78
N GLY A 234 18.38 -12.33 -0.56
CA GLY A 234 19.21 -11.64 0.43
C GLY A 234 19.53 -10.22 0.01
N LYS A 235 19.81 -10.02 -1.27
CA LYS A 235 19.97 -8.68 -1.81
C LYS A 235 18.66 -7.89 -1.71
N ILE A 236 17.54 -8.60 -1.83
CA ILE A 236 16.23 -7.96 -1.71
C ILE A 236 15.98 -7.55 -0.26
N ARG A 237 16.48 -8.35 0.67
CA ARG A 237 16.39 -8.07 2.10
C ARG A 237 17.21 -6.83 2.46
N ASP A 238 18.37 -6.70 1.86
CA ASP A 238 19.25 -5.58 2.15
C ASP A 238 18.70 -4.26 1.66
N GLN A 239 18.13 -4.29 0.46
CA GLN A 239 17.47 -3.11 -0.11
C GLN A 239 16.35 -2.64 0.81
N MET A 240 15.50 -3.58 1.21
CA MET A 240 14.40 -3.30 2.13
C MET A 240 14.85 -2.76 3.49
N ALA A 241 15.95 -3.30 4.01
CA ALA A 241 16.45 -2.91 5.33
C ALA A 241 17.09 -1.54 5.25
N ALA A 242 17.77 -1.27 4.13
CA ALA A 242 18.36 0.04 3.87
C ALA A 242 17.31 1.11 3.53
N THR A 243 16.03 0.74 3.50
CA THR A 243 15.00 1.73 3.17
C THR A 243 14.50 2.40 4.45
N GLU A 244 14.67 3.71 4.50
CA GLU A 244 14.16 4.50 5.61
C GLU A 244 12.83 5.14 5.20
N GLN A 245 11.81 4.98 6.04
CA GLN A 245 10.47 5.46 5.72
C GLN A 245 10.11 6.68 6.57
N ASP A 246 9.83 7.79 5.90
CA ASP A 246 9.52 9.06 6.56
C ASP A 246 8.15 8.99 7.24
N LYS A 247 7.94 9.91 8.20
CA LYS A 247 6.65 10.06 8.83
C LYS A 247 5.66 10.72 7.87
N THR A 248 4.39 10.30 7.95
CA THR A 248 3.31 10.86 7.14
C THR A 248 3.19 12.36 7.40
N PRO A 249 2.72 13.13 6.39
CA PRO A 249 2.60 14.59 6.54
C PRO A 249 1.96 15.07 7.85
N LEU A 250 0.85 14.43 8.24
CA LEU A 250 0.18 14.74 9.49
C LEU A 250 1.04 14.40 10.73
N GLN A 251 1.71 13.25 10.68
CA GLN A 251 2.61 12.85 11.76
C GLN A 251 3.71 13.89 11.94
N GLN A 252 4.29 14.33 10.83
CA GLN A 252 5.33 15.34 10.88
C GLN A 252 4.78 16.64 11.45
N LYS A 253 3.68 17.13 10.88
CA LYS A 253 3.07 18.40 11.31
C LYS A 253 2.60 18.36 12.76
N LEU A 254 2.06 17.21 13.18
CA LEU A 254 1.69 17.01 14.58
C LEU A 254 2.90 17.02 15.52
N ASP A 255 4.04 16.46 15.07
CA ASP A 255 5.29 16.52 15.85
C ASP A 255 5.86 17.94 15.95
N GLU A 256 5.60 18.76 14.94
CA GLU A 256 5.98 20.16 14.93
C GLU A 256 5.15 20.94 15.96
N PHE A 257 3.85 20.65 15.98
CA PHE A 257 2.92 21.23 16.95
C PHE A 257 3.34 20.86 18.38
N GLY A 258 3.85 19.64 18.54
CA GLY A 258 4.36 19.16 19.81
C GLY A 258 5.48 20.03 20.38
N GLU A 259 6.51 20.28 19.57
CA GLU A 259 7.62 21.17 19.94
C GLU A 259 7.09 22.56 20.23
N GLN A 260 6.30 23.09 19.30
CA GLN A 260 5.79 24.45 19.40
C GLN A 260 4.96 24.65 20.66
N LEU A 261 4.00 23.75 20.88
CA LEU A 261 3.15 23.79 22.07
C LEU A 261 3.98 23.67 23.35
N SER A 262 4.98 22.79 23.34
CA SER A 262 5.91 22.70 24.44
C SER A 262 6.51 24.07 24.73
N LYS A 263 7.02 24.73 23.69
CA LYS A 263 7.62 26.05 23.79
C LYS A 263 6.57 27.07 24.26
N VAL A 264 5.33 26.89 23.84
CA VAL A 264 4.23 27.75 24.25
C VAL A 264 3.93 27.58 25.74
N ILE A 265 3.75 26.32 26.17
CA ILE A 265 3.49 26.01 27.57
C ILE A 265 4.53 26.69 28.47
N SER A 266 5.81 26.49 28.17
CA SER A 266 6.86 27.08 29.00
C SER A 266 6.78 28.62 29.05
N LEU A 267 6.46 29.27 27.93
CA LEU A 267 6.35 30.73 27.89
C LEU A 267 5.23 31.24 28.80
N ILE A 268 4.09 30.57 28.76
CA ILE A 268 2.95 30.94 29.59
C ILE A 268 3.29 30.83 31.09
N CYS A 269 4.10 29.85 31.45
CA CYS A 269 4.62 29.71 32.81
C CYS A 269 5.49 30.93 33.20
N VAL A 270 6.38 31.34 32.30
CA VAL A 270 7.18 32.55 32.49
C VAL A 270 6.28 33.78 32.55
N ALA A 271 5.30 33.85 31.65
CA ALA A 271 4.33 34.94 31.65
C ALA A 271 3.62 35.05 33.00
N VAL A 272 3.30 33.91 33.63
CA VAL A 272 2.71 33.93 34.97
C VAL A 272 3.74 34.35 36.02
N TRP A 273 5.03 34.11 35.74
CA TRP A 273 6.08 34.62 36.60
C TRP A 273 6.18 36.12 36.50
N LEU A 274 6.45 36.63 35.29
CA LEU A 274 6.65 38.07 35.08
C LEU A 274 5.47 38.92 35.54
N ILE A 275 4.30 38.29 35.68
CA ILE A 275 3.10 38.99 36.15
C ILE A 275 3.09 39.14 37.68
N ASN A 276 3.83 38.27 38.36
CA ASN A 276 3.90 38.33 39.81
C ASN A 276 5.25 38.85 40.34
N ILE A 277 6.07 39.42 39.44
CA ILE A 277 7.34 40.08 39.82
C ILE A 277 7.12 41.19 40.85
N GLY A 278 5.85 41.53 41.08
CA GLY A 278 5.46 42.45 42.16
C GLY A 278 5.82 41.92 43.53
N HIS A 279 5.82 40.59 43.70
CA HIS A 279 6.13 39.96 44.99
C HIS A 279 7.56 40.14 45.44
N PHE A 280 8.43 40.54 44.53
CA PHE A 280 9.82 40.86 44.87
C PHE A 280 9.91 42.09 45.78
N ASN A 281 9.03 43.06 45.55
CA ASN A 281 8.92 44.26 46.38
C ASN A 281 8.05 44.06 47.64
N ASP A 282 8.20 42.90 48.28
CA ASP A 282 7.42 42.56 49.48
C ASP A 282 8.33 42.31 50.68
N PRO A 283 7.88 42.69 51.90
CA PRO A 283 8.68 42.42 53.10
C PRO A 283 9.01 40.93 53.21
N VAL A 284 10.28 40.63 53.49
CA VAL A 284 10.76 39.25 53.59
C VAL A 284 9.95 38.43 54.61
N HIS A 285 9.59 39.09 55.71
CA HIS A 285 8.73 38.50 56.74
C HIS A 285 7.29 38.75 56.38
N GLY A 286 6.41 37.85 56.83
CA GLY A 286 4.99 37.97 56.54
C GLY A 286 4.64 37.36 55.19
N GLY A 287 3.49 36.69 55.14
CA GLY A 287 3.08 35.97 53.94
C GLY A 287 3.59 34.54 53.98
N SER A 288 2.99 33.68 53.18
CA SER A 288 3.40 32.28 53.13
C SER A 288 4.11 31.99 51.81
N TRP A 289 5.37 31.60 51.92
CA TRP A 289 6.16 31.26 50.75
C TRP A 289 5.84 29.91 50.23
N ILE A 290 5.71 28.94 51.14
CA ILE A 290 5.28 27.59 50.78
C ILE A 290 3.97 27.63 49.98
N ARG A 291 3.02 28.45 50.44
CA ARG A 291 1.73 28.57 49.78
C ARG A 291 1.84 29.34 48.48
N GLY A 292 2.81 30.26 48.42
CA GLY A 292 3.11 31.01 47.21
C GLY A 292 3.62 30.11 46.08
N ALA A 293 4.45 29.13 46.43
CA ALA A 293 4.96 28.17 45.46
C ALA A 293 3.92 27.12 45.12
N ILE A 294 3.11 26.73 46.09
CA ILE A 294 2.02 25.79 45.83
C ILE A 294 1.07 26.42 44.82
N TYR A 295 0.98 27.75 44.83
CA TYR A 295 0.16 28.49 43.89
C TYR A 295 0.67 28.39 42.45
N TYR A 296 1.97 28.47 42.25
CA TYR A 296 2.54 28.43 40.89
C TYR A 296 2.50 27.02 40.32
N PHE A 297 2.93 26.05 41.11
CA PHE A 297 2.96 24.66 40.69
C PHE A 297 1.55 24.09 40.47
N LYS A 298 0.56 24.63 41.17
CA LYS A 298 -0.84 24.22 40.98
C LYS A 298 -1.35 24.69 39.61
N ILE A 299 -0.93 25.90 39.20
CA ILE A 299 -1.35 26.39 37.90
C ILE A 299 -0.49 25.81 36.78
N ALA A 300 0.78 25.54 37.06
CA ALA A 300 1.67 24.96 36.06
C ALA A 300 1.14 23.60 35.64
N VAL A 301 0.62 22.86 36.61
CA VAL A 301 0.01 21.57 36.34
C VAL A 301 -1.26 21.71 35.48
N ALA A 302 -2.21 22.54 35.91
CA ALA A 302 -3.45 22.74 35.16
C ALA A 302 -3.15 23.33 33.79
N LEU A 303 -2.13 24.17 33.73
CA LEU A 303 -1.72 24.84 32.51
C LEU A 303 -1.25 23.82 31.47
N ALA A 304 -0.38 22.91 31.89
CA ALA A 304 0.06 21.82 31.03
C ALA A 304 -1.13 20.94 30.62
N VAL A 305 -2.00 20.62 31.58
CA VAL A 305 -3.14 19.74 31.34
C VAL A 305 -4.17 20.39 30.41
N ALA A 306 -4.33 21.70 30.54
CA ALA A 306 -5.27 22.48 29.74
C ALA A 306 -4.79 22.65 28.31
N ALA A 307 -3.49 22.52 28.12
CA ALA A 307 -2.88 22.84 26.83
C ALA A 307 -2.71 21.62 25.93
N ILE A 308 -2.64 20.43 26.52
CA ILE A 308 -2.47 19.20 25.74
C ILE A 308 -3.82 18.66 25.30
N PRO A 309 -3.95 18.34 24.01
CA PRO A 309 -5.19 17.71 23.56
C PRO A 309 -5.15 16.23 23.89
N GLU A 310 -5.30 15.91 25.17
CA GLU A 310 -5.10 14.55 25.68
C GLU A 310 -5.87 13.46 24.92
N GLY A 311 -7.08 13.77 24.47
CA GLY A 311 -7.88 12.76 23.77
C GLY A 311 -7.65 12.68 22.27
N LEU A 312 -6.82 13.56 21.73
CA LEU A 312 -6.64 13.65 20.28
C LEU A 312 -6.17 12.34 19.62
N PRO A 313 -5.11 11.72 20.17
CA PRO A 313 -4.61 10.43 19.65
C PRO A 313 -5.68 9.33 19.59
N ALA A 314 -6.56 9.26 20.59
CA ALA A 314 -7.64 8.29 20.59
C ALA A 314 -8.69 8.58 19.53
N VAL A 315 -8.98 9.86 19.31
CA VAL A 315 -9.99 10.27 18.36
C VAL A 315 -9.53 9.96 16.94
N ILE A 316 -8.31 10.42 16.62
CA ILE A 316 -7.65 10.07 15.36
C ILE A 316 -7.71 8.56 15.08
N THR A 317 -7.20 7.76 16.00
CA THR A 317 -7.21 6.33 15.88
C THR A 317 -8.61 5.82 15.59
N THR A 318 -9.57 6.23 16.41
CA THR A 318 -10.96 5.77 16.23
C THR A 318 -11.46 6.09 14.82
N CYS A 319 -11.05 7.24 14.31
CA CYS A 319 -11.50 7.71 13.03
C CYS A 319 -10.87 6.85 11.95
N LEU A 320 -9.55 6.77 11.97
CA LEU A 320 -8.80 5.93 11.06
C LEU A 320 -9.28 4.47 11.05
N ALA A 321 -9.49 3.89 12.23
CA ALA A 321 -10.01 2.52 12.29
C ALA A 321 -11.35 2.39 11.59
N LEU A 322 -12.21 3.38 11.78
CA LEU A 322 -13.54 3.34 11.21
C LEU A 322 -13.49 3.48 9.70
N GLY A 323 -12.71 4.45 9.24
CA GLY A 323 -12.46 4.66 7.81
C GLY A 323 -11.94 3.40 7.13
N THR A 324 -10.96 2.78 7.75
CA THR A 324 -10.40 1.50 7.36
C THR A 324 -11.44 0.39 7.17
N ARG A 325 -12.36 0.20 8.12
CA ARG A 325 -13.44 -0.77 7.94
C ARG A 325 -14.28 -0.41 6.72
N ARG A 326 -14.39 0.90 6.50
CA ARG A 326 -15.19 1.47 5.42
C ARG A 326 -14.51 1.22 4.07
N MET A 327 -13.17 1.31 4.06
CA MET A 327 -12.38 1.09 2.85
C MET A 327 -12.29 -0.38 2.46
N ALA A 328 -12.33 -1.24 3.47
CA ALA A 328 -12.32 -2.67 3.25
C ALA A 328 -13.61 -3.10 2.56
N LYS A 329 -14.71 -2.41 2.86
CA LYS A 329 -15.98 -2.65 2.18
C LYS A 329 -15.85 -2.32 0.69
N LYS A 330 -14.90 -1.45 0.35
CA LYS A 330 -14.66 -1.09 -1.03
C LYS A 330 -13.43 -1.80 -1.61
N ASN A 331 -13.07 -2.91 -0.99
CA ASN A 331 -12.00 -3.77 -1.49
C ASN A 331 -10.60 -3.26 -1.21
N ALA A 332 -10.49 -2.16 -0.49
CA ALA A 332 -9.19 -1.62 -0.17
C ALA A 332 -8.83 -2.00 1.25
N ILE A 333 -7.93 -2.96 1.37
CA ILE A 333 -7.47 -3.39 2.69
C ILE A 333 -6.22 -2.60 3.03
N VAL A 334 -6.37 -1.68 3.96
CA VAL A 334 -5.28 -0.81 4.38
C VAL A 334 -4.71 -1.45 5.61
N ARG A 335 -3.38 -1.39 5.75
CA ARG A 335 -2.70 -2.12 6.80
C ARG A 335 -2.19 -1.23 7.89
N SER A 336 -1.73 -0.04 7.48
CA SER A 336 -1.23 0.95 8.43
C SER A 336 -2.20 2.15 8.53
N LEU A 337 -2.64 2.48 9.74
CA LEU A 337 -3.62 3.57 9.90
C LEU A 337 -3.12 4.93 9.44
N PRO A 338 -1.84 5.27 9.71
CA PRO A 338 -1.30 6.54 9.20
C PRO A 338 -1.27 6.64 7.68
N SER A 339 -1.40 5.50 6.99
CA SER A 339 -1.42 5.46 5.52
C SER A 339 -2.66 6.12 4.91
N VAL A 340 -3.76 6.11 5.65
CA VAL A 340 -5.05 6.61 5.20
C VAL A 340 -4.98 8.08 4.83
N GLU A 341 -4.11 8.81 5.52
CA GLU A 341 -3.91 10.22 5.27
C GLU A 341 -3.06 10.39 4.03
N THR A 342 -1.96 9.67 3.97
CA THR A 342 -1.04 9.70 2.85
C THR A 342 -1.74 9.35 1.54
N LEU A 343 -2.67 8.40 1.61
CA LEU A 343 -3.36 7.91 0.44
C LEU A 343 -4.12 9.05 -0.22
N GLY A 344 -4.67 9.93 0.61
CA GLY A 344 -5.38 11.11 0.15
C GLY A 344 -4.51 12.09 -0.61
N CYS A 345 -3.21 12.12 -0.28
CA CYS A 345 -2.26 13.04 -0.93
C CYS A 345 -1.59 12.43 -2.16
N THR A 346 -1.87 11.16 -2.46
CA THR A 346 -1.26 10.47 -3.60
C THR A 346 -1.29 11.37 -4.82
N SER A 347 -0.11 11.73 -5.32
CA SER A 347 -0.03 12.55 -6.53
C SER A 347 0.32 11.72 -7.78
N VAL A 348 0.94 10.56 -7.58
CA VAL A 348 1.23 9.64 -8.70
C VAL A 348 0.88 8.18 -8.36
N ILE A 349 0.18 7.53 -9.28
CA ILE A 349 -0.06 6.10 -9.16
C ILE A 349 0.63 5.37 -10.33
N CYS A 350 1.55 4.47 -9.98
CA CYS A 350 2.19 3.58 -10.98
C CYS A 350 1.56 2.23 -10.84
N SER A 351 0.95 1.76 -11.93
CA SER A 351 0.24 0.50 -11.90
C SER A 351 0.77 -0.50 -12.93
N ASP A 352 0.93 -1.75 -12.52
CA ASP A 352 1.14 -2.84 -13.47
C ASP A 352 -0.13 -2.93 -14.34
N LYS A 353 0.02 -3.18 -15.64
CA LYS A 353 -1.14 -3.46 -16.48
C LYS A 353 -1.83 -4.80 -16.12
N THR A 354 -1.21 -5.92 -16.49
CA THR A 354 -1.90 -7.23 -16.43
C THR A 354 -2.53 -7.55 -15.09
N GLY A 355 -3.85 -7.71 -15.11
CA GLY A 355 -4.59 -8.16 -13.92
C GLY A 355 -5.05 -7.02 -13.03
N THR A 356 -4.49 -5.82 -13.27
CA THR A 356 -4.86 -4.64 -12.48
C THR A 356 -5.64 -3.61 -13.32
N LEU A 357 -5.08 -3.24 -14.45
CA LEU A 357 -5.72 -2.36 -15.40
C LEU A 357 -6.52 -3.21 -16.37
N THR A 358 -6.04 -4.43 -16.59
CA THR A 358 -6.73 -5.39 -17.47
C THR A 358 -7.29 -6.54 -16.66
N THR A 359 -8.06 -7.42 -17.30
CA THR A 359 -8.72 -8.52 -16.57
C THR A 359 -7.82 -9.74 -16.48
N ASN A 360 -6.85 -9.83 -17.39
CA ASN A 360 -5.96 -10.99 -17.49
C ASN A 360 -6.72 -12.23 -17.97
N GLN A 361 -7.80 -11.99 -18.72
CA GLN A 361 -8.64 -13.03 -19.27
C GLN A 361 -8.45 -12.93 -20.76
N MET A 362 -7.66 -13.83 -21.31
CA MET A 362 -7.17 -13.71 -22.67
C MET A 362 -8.19 -14.20 -23.68
N SER A 363 -8.18 -13.64 -24.88
CA SER A 363 -9.08 -14.12 -25.92
C SER A 363 -8.56 -13.80 -27.32
N VAL A 364 -8.53 -14.79 -28.21
CA VAL A 364 -8.16 -14.55 -29.62
C VAL A 364 -9.34 -13.91 -30.34
N CYS A 365 -9.10 -12.79 -31.01
CA CYS A 365 -10.16 -11.98 -31.62
C CYS A 365 -10.05 -11.94 -33.14
N LYS A 366 -8.84 -12.16 -33.61
CA LYS A 366 -8.53 -12.11 -35.01
C LYS A 366 -7.45 -13.15 -35.35
N MET A 367 -7.31 -13.45 -36.63
CA MET A 367 -6.26 -14.34 -37.10
C MET A 367 -6.24 -14.18 -38.59
N PHE A 368 -5.12 -14.53 -39.22
CA PHE A 368 -5.09 -14.52 -40.66
C PHE A 368 -4.10 -15.51 -41.22
N ILE A 369 -4.38 -15.96 -42.45
CA ILE A 369 -3.50 -16.86 -43.19
C ILE A 369 -3.27 -16.22 -44.53
N ILE A 370 -2.37 -16.79 -45.33
CA ILE A 370 -2.16 -16.30 -46.67
C ILE A 370 -3.14 -16.99 -47.60
N ASP A 371 -3.75 -16.20 -48.47
CA ASP A 371 -4.79 -16.64 -49.37
C ASP A 371 -4.19 -17.02 -50.72
N LYS A 372 -3.39 -16.12 -51.28
CA LYS A 372 -2.60 -16.47 -52.45
C LYS A 372 -1.49 -15.47 -52.70
N VAL A 373 -0.43 -15.96 -53.35
CA VAL A 373 0.74 -15.16 -53.75
C VAL A 373 0.97 -15.43 -55.24
N ASP A 374 1.00 -14.38 -56.03
CA ASP A 374 1.19 -14.49 -57.46
C ASP A 374 1.93 -13.23 -57.90
N GLY A 375 3.22 -13.38 -58.14
CA GLY A 375 4.08 -12.27 -58.54
C GLY A 375 4.04 -11.19 -57.47
N ASP A 376 3.90 -9.94 -57.92
CA ASP A 376 3.78 -8.80 -57.00
C ASP A 376 2.44 -8.76 -56.24
N PHE A 377 1.51 -9.64 -56.59
CA PHE A 377 0.17 -9.63 -55.96
C PHE A 377 0.08 -10.57 -54.76
N CYS A 378 -0.69 -10.14 -53.77
CA CYS A 378 -0.85 -10.89 -52.55
C CYS A 378 -2.18 -10.59 -51.86
N SER A 379 -2.81 -11.64 -51.33
CA SER A 379 -4.00 -11.48 -50.51
C SER A 379 -3.96 -12.42 -49.30
N LEU A 380 -4.43 -11.90 -48.16
CA LEU A 380 -4.57 -12.67 -46.93
C LEU A 380 -6.02 -13.03 -46.71
N ASN A 381 -6.25 -14.06 -45.92
CA ASN A 381 -7.56 -14.28 -45.36
C ASN A 381 -7.58 -13.85 -43.91
N GLU A 382 -8.25 -12.74 -43.61
CA GLU A 382 -8.42 -12.25 -42.24
C GLU A 382 -9.73 -12.72 -41.69
N PHE A 383 -9.73 -13.18 -40.45
CA PHE A 383 -10.95 -13.64 -39.80
C PHE A 383 -11.15 -13.00 -38.42
N SER A 384 -12.33 -13.23 -37.86
CA SER A 384 -12.70 -12.72 -36.55
C SER A 384 -13.30 -13.85 -35.76
N ILE A 385 -13.25 -13.70 -34.46
CA ILE A 385 -13.71 -14.74 -33.54
C ILE A 385 -14.44 -14.00 -32.44
N THR A 386 -15.57 -14.56 -32.01
CA THR A 386 -16.40 -13.94 -30.99
C THR A 386 -16.29 -14.77 -29.75
N GLY A 387 -16.66 -14.19 -28.62
CA GLY A 387 -16.62 -14.89 -27.33
C GLY A 387 -15.29 -14.49 -26.70
N SER A 388 -15.38 -13.91 -25.51
CA SER A 388 -14.22 -13.33 -24.87
C SER A 388 -13.90 -14.05 -23.56
N THR A 389 -14.66 -15.10 -23.28
CA THR A 389 -14.39 -15.99 -22.16
C THR A 389 -13.53 -17.15 -22.65
N TYR A 390 -13.00 -17.95 -21.73
CA TYR A 390 -12.30 -19.19 -22.09
C TYR A 390 -13.26 -20.29 -22.53
N ALA A 391 -14.55 -20.06 -22.32
CA ALA A 391 -15.58 -20.98 -22.76
C ALA A 391 -15.48 -21.21 -24.28
N PRO A 392 -15.64 -22.48 -24.71
CA PRO A 392 -15.55 -22.82 -26.13
C PRO A 392 -16.77 -22.38 -26.95
N GLU A 393 -17.46 -21.34 -26.50
CA GLU A 393 -18.62 -20.81 -27.21
C GLU A 393 -18.25 -19.54 -27.97
N GLY A 394 -18.45 -19.59 -29.28
CA GLY A 394 -18.19 -18.45 -30.16
C GLY A 394 -18.06 -18.92 -31.60
N GLU A 395 -17.73 -18.01 -32.51
CA GLU A 395 -17.61 -18.39 -33.92
C GLU A 395 -16.56 -17.62 -34.71
N VAL A 396 -16.23 -18.15 -35.88
CA VAL A 396 -15.26 -17.53 -36.77
C VAL A 396 -16.02 -16.81 -37.90
N LEU A 397 -15.53 -15.65 -38.31
CA LEU A 397 -16.25 -14.82 -39.26
C LEU A 397 -15.32 -14.16 -40.26
N LYS A 398 -15.61 -14.28 -41.55
CA LYS A 398 -14.85 -13.55 -42.56
C LYS A 398 -15.69 -12.43 -43.16
N ASN A 399 -15.32 -11.19 -42.85
CA ASN A 399 -16.16 -10.02 -43.13
C ASN A 399 -17.53 -10.13 -42.45
N ASP A 400 -17.51 -10.48 -41.15
CA ASP A 400 -18.71 -10.63 -40.30
C ASP A 400 -19.58 -11.83 -40.62
N LYS A 401 -19.39 -12.36 -41.82
CA LYS A 401 -20.09 -13.54 -42.27
C LYS A 401 -19.48 -14.76 -41.60
N PRO A 402 -20.30 -15.57 -40.88
CA PRO A 402 -19.80 -16.81 -40.28
C PRO A 402 -19.33 -17.72 -41.39
N ILE A 403 -18.08 -18.18 -41.26
CA ILE A 403 -17.51 -19.14 -42.19
C ILE A 403 -17.31 -20.45 -41.46
N ARG A 404 -16.76 -21.43 -42.16
CA ARG A 404 -16.40 -22.70 -41.56
C ARG A 404 -14.89 -22.86 -41.70
N SER A 405 -14.19 -22.92 -40.55
CA SER A 405 -12.73 -23.04 -40.52
C SER A 405 -12.25 -24.16 -41.43
N GLY A 406 -12.86 -25.34 -41.28
CA GLY A 406 -12.53 -26.54 -42.05
C GLY A 406 -12.43 -26.40 -43.56
N GLN A 407 -13.25 -25.52 -44.13
CA GLN A 407 -13.16 -25.24 -45.56
C GLN A 407 -11.89 -24.49 -45.97
N PHE A 408 -11.04 -24.15 -45.00
CA PHE A 408 -9.76 -23.47 -45.26
C PHE A 408 -8.61 -24.30 -44.71
N ASP A 409 -7.64 -24.61 -45.55
CA ASP A 409 -6.56 -25.50 -45.12
C ASP A 409 -5.53 -24.76 -44.26
N GLY A 410 -5.12 -23.56 -44.68
CA GLY A 410 -4.35 -22.67 -43.83
C GLY A 410 -4.84 -22.74 -42.39
N LEU A 411 -6.15 -22.89 -42.21
CA LEU A 411 -6.75 -22.87 -40.88
C LEU A 411 -6.63 -24.20 -40.16
N VAL A 412 -6.61 -25.30 -40.91
CA VAL A 412 -6.43 -26.63 -40.33
C VAL A 412 -5.07 -26.67 -39.61
N GLU A 413 -4.03 -26.23 -40.32
CA GLU A 413 -2.69 -26.19 -39.77
C GLU A 413 -2.56 -25.20 -38.61
N LEU A 414 -3.00 -23.95 -38.85
CA LEU A 414 -3.06 -22.86 -37.85
C LEU A 414 -3.52 -23.42 -36.52
N ALA A 415 -4.59 -24.20 -36.58
CA ALA A 415 -5.16 -24.85 -35.42
C ALA A 415 -4.29 -25.99 -34.89
N THR A 416 -3.59 -26.67 -35.79
CA THR A 416 -2.73 -27.77 -35.39
C THR A 416 -1.57 -27.25 -34.55
N ILE A 417 -1.02 -26.11 -34.94
CA ILE A 417 0.02 -25.43 -34.14
C ILE A 417 -0.54 -24.96 -32.80
N CYS A 418 -1.67 -24.27 -32.82
CA CYS A 418 -2.25 -23.77 -31.58
C CYS A 418 -2.54 -24.91 -30.60
N ALA A 419 -2.81 -26.10 -31.13
CA ALA A 419 -3.21 -27.21 -30.27
C ALA A 419 -2.00 -27.98 -29.77
N LEU A 420 -1.03 -28.19 -30.65
CA LEU A 420 0.13 -29.02 -30.33
C LEU A 420 1.22 -28.25 -29.61
N CYS A 421 1.48 -27.04 -30.09
CA CYS A 421 2.52 -26.18 -29.58
C CYS A 421 2.00 -25.41 -28.36
N ASN A 422 1.63 -26.16 -27.32
CA ASN A 422 0.85 -25.61 -26.24
C ASN A 422 0.97 -26.49 -24.99
N ASP A 423 1.29 -25.87 -23.85
CA ASP A 423 1.44 -26.61 -22.61
C ASP A 423 0.22 -26.43 -21.67
N SER A 424 -0.83 -25.80 -22.18
CA SER A 424 -2.02 -25.47 -21.38
C SER A 424 -3.27 -26.23 -21.81
N SER A 425 -4.29 -26.24 -20.96
CA SER A 425 -5.58 -26.84 -21.29
C SER A 425 -6.76 -26.10 -20.66
N LEU A 426 -7.93 -26.74 -20.73
CA LEU A 426 -9.14 -26.23 -20.10
C LEU A 426 -9.62 -27.21 -19.06
N ASP A 427 -10.65 -26.78 -18.32
CA ASP A 427 -11.36 -27.61 -17.37
C ASP A 427 -12.70 -26.92 -17.09
N PHE A 428 -13.79 -27.68 -17.20
CA PHE A 428 -15.09 -27.16 -16.79
C PHE A 428 -15.30 -27.37 -15.29
N ASN A 429 -15.32 -26.26 -14.56
CA ASN A 429 -15.54 -26.26 -13.12
C ASN A 429 -17.03 -26.31 -12.79
N GLU A 430 -17.50 -27.51 -12.41
CA GLU A 430 -18.92 -27.75 -12.11
C GLU A 430 -19.40 -26.95 -10.88
N THR A 431 -18.47 -26.60 -9.99
CA THR A 431 -18.75 -25.79 -8.80
C THR A 431 -19.22 -24.37 -9.16
N LYS A 432 -18.42 -23.68 -9.97
CA LYS A 432 -18.76 -22.32 -10.42
C LYS A 432 -19.65 -22.31 -11.67
N GLY A 433 -19.69 -23.44 -12.38
CA GLY A 433 -20.51 -23.57 -13.58
C GLY A 433 -20.00 -22.84 -14.81
N VAL A 434 -18.70 -22.52 -14.84
CA VAL A 434 -18.05 -21.94 -16.02
C VAL A 434 -16.69 -22.59 -16.33
N TYR A 435 -16.22 -22.40 -17.56
CA TYR A 435 -14.92 -22.94 -17.98
C TYR A 435 -13.76 -22.13 -17.40
N GLU A 436 -12.81 -22.84 -16.79
CA GLU A 436 -11.61 -22.23 -16.21
C GLU A 436 -10.35 -22.72 -16.92
N LYS A 437 -9.30 -21.88 -16.89
CA LYS A 437 -8.05 -22.23 -17.52
C LYS A 437 -7.18 -23.17 -16.66
N VAL A 438 -6.29 -23.88 -17.34
CA VAL A 438 -5.26 -24.68 -16.73
C VAL A 438 -3.97 -24.29 -17.46
N GLY A 439 -3.14 -23.46 -16.83
CA GLY A 439 -1.89 -23.04 -17.45
C GLY A 439 -1.78 -21.54 -17.59
N GLU A 440 -1.15 -21.10 -18.67
CA GLU A 440 -1.00 -19.67 -18.96
C GLU A 440 -2.23 -19.10 -19.66
N ALA A 441 -2.40 -17.79 -19.52
CA ALA A 441 -3.53 -17.08 -20.10
C ALA A 441 -3.43 -17.14 -21.62
N THR A 442 -2.23 -16.87 -22.12
CA THR A 442 -2.01 -16.72 -23.54
C THR A 442 -2.17 -18.05 -24.22
N GLU A 443 -1.83 -19.12 -23.50
CA GLU A 443 -1.90 -20.45 -24.08
C GLU A 443 -3.31 -20.99 -24.06
N THR A 444 -4.05 -20.71 -22.99
CA THR A 444 -5.42 -21.22 -22.90
C THR A 444 -6.30 -20.57 -23.97
N ALA A 445 -6.05 -19.29 -24.26
CA ALA A 445 -6.75 -18.61 -25.33
C ALA A 445 -6.58 -19.35 -26.65
N LEU A 446 -5.48 -20.07 -26.79
CA LEU A 446 -5.19 -20.79 -28.02
C LEU A 446 -5.99 -22.08 -27.99
N THR A 447 -6.06 -22.68 -26.81
CA THR A 447 -6.86 -23.87 -26.60
C THR A 447 -8.32 -23.54 -26.88
N THR A 448 -8.81 -22.45 -26.29
CA THR A 448 -10.18 -21.97 -26.56
C THR A 448 -10.43 -21.76 -28.06
N LEU A 449 -9.50 -21.08 -28.72
CA LEU A 449 -9.62 -20.81 -30.13
C LEU A 449 -9.76 -22.06 -31.01
N VAL A 450 -9.08 -23.15 -30.68
CA VAL A 450 -9.16 -24.35 -31.52
C VAL A 450 -10.55 -25.00 -31.39
N GLU A 451 -11.12 -24.90 -30.18
CA GLU A 451 -12.46 -25.41 -29.90
C GLU A 451 -13.57 -24.67 -30.66
N LYS A 452 -13.44 -23.36 -30.81
CA LYS A 452 -14.40 -22.61 -31.60
C LYS A 452 -14.20 -22.90 -33.07
N MET A 453 -12.96 -23.17 -33.46
CA MET A 453 -12.65 -23.34 -34.88
C MET A 453 -13.17 -24.65 -35.45
N ASN A 454 -12.95 -25.73 -34.69
CA ASN A 454 -13.42 -27.06 -35.04
C ASN A 454 -13.01 -27.44 -36.47
N VAL A 455 -11.71 -27.48 -36.73
CA VAL A 455 -11.25 -27.61 -38.12
C VAL A 455 -11.68 -28.89 -38.82
N PHE A 456 -12.08 -29.89 -38.04
CA PHE A 456 -12.51 -31.18 -38.57
C PHE A 456 -14.00 -31.47 -38.38
N ASN A 457 -14.78 -30.43 -38.13
CA ASN A 457 -16.24 -30.53 -37.94
C ASN A 457 -16.65 -31.76 -37.11
N THR A 458 -15.89 -32.00 -36.04
CA THR A 458 -16.15 -33.11 -35.12
C THR A 458 -17.53 -32.96 -34.49
N GLU A 459 -18.20 -34.09 -34.26
CA GLU A 459 -19.47 -34.09 -33.53
C GLU A 459 -19.24 -33.72 -32.07
N VAL A 460 -19.61 -32.47 -31.76
CA VAL A 460 -19.26 -31.84 -30.49
C VAL A 460 -20.48 -31.48 -29.64
N ARG A 461 -21.57 -31.13 -30.32
CA ARG A 461 -22.82 -30.69 -29.67
C ARG A 461 -23.47 -31.78 -28.81
N ASN A 462 -23.20 -33.04 -29.14
CA ASN A 462 -23.70 -34.18 -28.38
C ASN A 462 -23.00 -34.37 -27.04
N LEU A 463 -21.72 -34.01 -27.01
CA LEU A 463 -20.87 -34.23 -25.83
C LEU A 463 -21.35 -33.42 -24.64
N SER A 464 -21.07 -33.93 -23.44
CA SER A 464 -21.43 -33.27 -22.18
C SER A 464 -20.77 -31.90 -22.08
N LYS A 465 -20.84 -31.28 -20.90
CA LYS A 465 -20.24 -29.97 -20.71
C LYS A 465 -18.74 -30.05 -20.41
N VAL A 466 -18.36 -30.99 -19.53
CA VAL A 466 -16.97 -31.20 -19.16
C VAL A 466 -16.17 -31.78 -20.33
N GLU A 467 -16.78 -32.71 -21.06
CA GLU A 467 -16.13 -33.38 -22.19
C GLU A 467 -15.95 -32.44 -23.38
N ARG A 468 -16.81 -31.43 -23.46
CA ARG A 468 -16.76 -30.42 -24.52
C ARG A 468 -15.47 -29.60 -24.46
N ALA A 469 -14.99 -29.34 -23.24
CA ALA A 469 -13.82 -28.51 -22.96
C ALA A 469 -12.65 -28.70 -23.93
N ASN A 470 -12.14 -29.93 -23.99
CA ASN A 470 -10.93 -30.22 -24.75
C ASN A 470 -11.13 -31.19 -25.92
N ALA A 471 -12.32 -31.15 -26.51
CA ALA A 471 -12.68 -32.06 -27.60
C ALA A 471 -11.90 -31.87 -28.89
N CYS A 472 -11.97 -30.68 -29.51
CA CYS A 472 -11.27 -30.41 -30.79
C CYS A 472 -9.75 -30.55 -30.66
N ASN A 473 -9.24 -30.26 -29.47
CA ASN A 473 -7.82 -30.44 -29.16
C ASN A 473 -7.42 -31.91 -29.20
N SER A 474 -8.13 -32.70 -28.39
CA SER A 474 -7.92 -34.14 -28.31
C SER A 474 -7.88 -34.77 -29.71
N VAL A 475 -8.69 -34.23 -30.61
CA VAL A 475 -8.75 -34.70 -32.00
C VAL A 475 -7.40 -34.46 -32.67
N ILE A 476 -6.90 -33.24 -32.53
CA ILE A 476 -5.66 -32.86 -33.18
C ILE A 476 -4.49 -33.64 -32.59
N ARG A 477 -4.56 -33.92 -31.28
CA ARG A 477 -3.52 -34.69 -30.59
C ARG A 477 -3.32 -36.05 -31.25
N GLN A 478 -4.42 -36.77 -31.47
CA GLN A 478 -4.37 -38.09 -32.10
C GLN A 478 -3.73 -38.11 -33.49
N LEU A 479 -3.64 -36.93 -34.12
CA LEU A 479 -3.05 -36.84 -35.45
C LEU A 479 -1.53 -36.84 -35.43
N MET A 480 -0.95 -36.38 -34.34
CA MET A 480 0.50 -36.24 -34.23
C MET A 480 0.98 -36.65 -32.86
N LYS A 481 2.05 -37.44 -32.84
CA LYS A 481 2.76 -37.71 -31.61
C LYS A 481 3.71 -36.54 -31.34
N LYS A 482 3.63 -36.00 -30.13
CA LYS A 482 4.54 -34.98 -29.67
C LYS A 482 5.79 -35.63 -29.07
N GLU A 483 6.87 -35.66 -29.86
CA GLU A 483 8.11 -36.29 -29.43
C GLU A 483 8.72 -35.55 -28.25
N PHE A 484 8.83 -34.23 -28.38
CA PHE A 484 9.40 -33.34 -27.35
C PHE A 484 9.11 -31.87 -27.64
N THR A 485 9.40 -31.02 -26.66
CA THR A 485 9.21 -29.58 -26.83
C THR A 485 10.47 -28.76 -26.52
N LEU A 486 10.77 -27.79 -27.38
CA LEU A 486 11.82 -26.79 -27.10
C LEU A 486 11.24 -25.53 -26.43
N GLU A 487 11.42 -25.40 -25.11
CA GLU A 487 10.80 -24.30 -24.32
C GLU A 487 11.10 -22.91 -24.86
N PHE A 488 10.22 -21.98 -24.49
CA PHE A 488 10.35 -20.57 -24.83
C PHE A 488 11.57 -19.97 -24.12
N SER A 489 12.37 -19.20 -24.83
CA SER A 489 13.37 -18.31 -24.20
C SER A 489 13.31 -16.91 -24.79
N ARG A 490 13.58 -15.88 -23.97
CA ARG A 490 13.50 -14.48 -24.42
C ARG A 490 14.51 -14.11 -25.49
N ASP A 491 15.57 -14.90 -25.62
CA ASP A 491 16.55 -14.66 -26.66
C ASP A 491 15.94 -14.89 -28.04
N ARG A 492 15.10 -15.90 -28.18
CA ARG A 492 14.55 -16.19 -29.47
C ARG A 492 13.09 -15.77 -29.56
N LYS A 493 12.44 -15.63 -28.40
CA LYS A 493 11.02 -15.23 -28.26
C LYS A 493 10.04 -16.12 -29.04
N SER A 494 10.34 -17.43 -29.02
CA SER A 494 9.45 -18.43 -29.61
C SER A 494 9.57 -19.77 -28.88
N MET A 495 8.67 -20.69 -29.18
CA MET A 495 8.83 -22.08 -28.76
C MET A 495 8.45 -23.03 -29.89
N SER A 496 8.87 -24.29 -29.77
CA SER A 496 8.50 -25.27 -30.78
C SER A 496 8.30 -26.65 -30.19
N VAL A 497 7.68 -27.49 -30.99
CA VAL A 497 7.43 -28.88 -30.62
C VAL A 497 7.75 -29.72 -31.84
N TYR A 498 8.41 -30.84 -31.57
CA TYR A 498 8.79 -31.80 -32.59
C TYR A 498 7.72 -32.89 -32.58
N CYS A 499 7.13 -33.10 -33.75
CA CYS A 499 6.01 -34.02 -33.89
C CYS A 499 6.19 -34.94 -35.09
N SER A 500 5.78 -36.19 -34.90
CA SER A 500 5.84 -37.23 -35.93
C SER A 500 4.44 -37.76 -36.15
N PRO A 501 4.11 -38.17 -37.39
CA PRO A 501 2.80 -38.76 -37.71
C PRO A 501 2.41 -39.91 -36.78
N ALA A 502 1.15 -39.95 -36.35
CA ALA A 502 0.71 -40.91 -35.32
C ALA A 502 0.57 -42.34 -35.84
N LYS A 503 -0.17 -42.51 -36.94
CA LYS A 503 -0.24 -43.80 -37.64
C LYS A 503 1.01 -43.96 -38.51
N SER A 504 2.01 -44.64 -37.95
CA SER A 504 3.31 -44.85 -38.61
C SER A 504 4.03 -46.09 -38.07
N SER A 505 4.15 -47.11 -38.93
CA SER A 505 4.77 -48.40 -38.55
C SER A 505 6.31 -48.37 -38.68
N ARG A 506 6.80 -48.36 -39.92
CA ARG A 506 8.24 -48.40 -40.21
C ARG A 506 8.68 -47.28 -41.16
N ALA A 507 8.68 -46.04 -40.65
CA ALA A 507 9.04 -44.85 -41.44
C ALA A 507 9.96 -43.89 -40.68
N ALA A 508 10.66 -43.03 -41.43
CA ALA A 508 11.55 -42.02 -40.87
C ALA A 508 11.41 -40.66 -41.56
N VAL A 509 10.33 -40.51 -42.33
CA VAL A 509 10.00 -39.24 -43.04
C VAL A 509 8.57 -38.81 -42.70
N GLY A 510 8.33 -37.50 -42.63
CA GLY A 510 7.01 -36.95 -42.31
C GLY A 510 6.97 -36.11 -41.04
N ASN A 511 8.09 -36.09 -40.31
CA ASN A 511 8.25 -35.28 -39.09
C ASN A 511 8.09 -33.77 -39.30
N LYS A 512 7.47 -33.09 -38.33
CA LYS A 512 7.32 -31.64 -38.37
C LYS A 512 7.68 -30.96 -37.05
N MET A 513 8.15 -29.71 -37.12
CA MET A 513 8.17 -28.81 -35.96
C MET A 513 7.10 -27.71 -36.10
N PHE A 514 6.31 -27.53 -35.04
CA PHE A 514 5.35 -26.44 -34.99
C PHE A 514 5.85 -25.31 -34.11
N VAL A 515 6.00 -24.14 -34.71
CA VAL A 515 6.59 -23.00 -34.01
C VAL A 515 5.62 -21.85 -33.75
N LYS A 516 5.62 -21.39 -32.50
CA LYS A 516 4.78 -20.28 -32.05
C LYS A 516 5.64 -19.19 -31.40
N GLY A 517 5.38 -17.93 -31.70
CA GLY A 517 6.08 -16.84 -31.04
C GLY A 517 5.89 -15.43 -31.57
N ALA A 518 6.69 -14.53 -31.01
CA ALA A 518 6.64 -13.12 -31.35
C ALA A 518 6.97 -12.99 -32.82
N PRO A 519 6.16 -12.24 -33.58
CA PRO A 519 6.14 -12.23 -35.06
C PRO A 519 7.46 -11.87 -35.75
N GLU A 520 8.14 -10.84 -35.26
CA GLU A 520 9.37 -10.36 -35.89
C GLU A 520 10.44 -11.45 -36.10
N GLY A 521 10.78 -12.15 -35.02
CA GLY A 521 11.84 -13.14 -35.06
C GLY A 521 11.36 -14.36 -35.78
N VAL A 522 10.14 -14.79 -35.48
CA VAL A 522 9.55 -15.94 -36.15
C VAL A 522 9.49 -15.71 -37.65
N ILE A 523 9.07 -14.52 -38.08
CA ILE A 523 8.90 -14.28 -39.52
C ILE A 523 10.23 -14.14 -40.23
N ASP A 524 11.21 -13.57 -39.53
CA ASP A 524 12.57 -13.47 -40.10
C ASP A 524 13.20 -14.84 -40.41
N ARG A 525 12.77 -15.87 -39.68
CA ARG A 525 13.29 -17.21 -39.87
C ARG A 525 12.43 -18.05 -40.80
N CYS A 526 11.49 -17.40 -41.48
CA CYS A 526 10.64 -18.07 -42.46
C CYS A 526 11.25 -17.83 -43.83
N ASN A 527 11.46 -18.90 -44.59
CA ASN A 527 11.90 -18.77 -45.98
C ASN A 527 10.74 -19.10 -46.91
N TYR A 528 9.67 -19.63 -46.32
CA TYR A 528 8.50 -20.07 -47.04
C TYR A 528 7.19 -19.54 -46.42
N VAL A 529 6.20 -19.36 -47.28
CA VAL A 529 4.85 -18.94 -46.87
C VAL A 529 3.85 -20.02 -47.29
N ARG A 530 3.02 -20.51 -46.37
CA ARG A 530 1.96 -21.45 -46.73
C ARG A 530 0.77 -20.76 -47.40
N VAL A 531 0.21 -21.42 -48.43
CA VAL A 531 -0.96 -20.95 -49.19
C VAL A 531 -1.92 -22.12 -49.37
N GLY A 532 -2.63 -22.48 -48.31
CA GLY A 532 -3.47 -23.64 -48.34
C GLY A 532 -2.62 -24.83 -47.97
N THR A 533 -2.31 -25.64 -48.97
CA THR A 533 -1.48 -26.83 -48.77
C THR A 533 -0.17 -26.62 -49.51
N THR A 534 -0.19 -25.70 -50.46
CA THR A 534 0.97 -25.40 -51.25
C THR A 534 1.91 -24.48 -50.50
N ARG A 535 3.13 -24.34 -51.01
CA ARG A 535 4.15 -23.54 -50.36
C ARG A 535 4.92 -22.72 -51.41
N VAL A 536 5.26 -21.47 -51.09
CA VAL A 536 6.06 -20.64 -51.99
C VAL A 536 7.13 -19.86 -51.19
N PRO A 537 8.21 -19.41 -51.85
CA PRO A 537 9.21 -18.55 -51.18
C PRO A 537 8.66 -17.28 -50.55
N MET A 538 9.20 -16.95 -49.39
CA MET A 538 8.95 -15.69 -48.71
C MET A 538 9.61 -14.55 -49.50
N THR A 539 8.85 -13.51 -49.83
CA THR A 539 9.38 -12.40 -50.59
C THR A 539 9.23 -11.07 -49.84
N GLY A 540 10.13 -10.14 -50.13
CA GLY A 540 10.11 -8.79 -49.54
C GLY A 540 8.74 -8.16 -49.42
N PRO A 541 8.02 -8.00 -50.56
CA PRO A 541 6.63 -7.50 -50.49
C PRO A 541 5.71 -8.27 -49.52
N VAL A 542 5.54 -9.57 -49.72
CA VAL A 542 4.63 -10.35 -48.86
C VAL A 542 5.01 -10.29 -47.37
N LYS A 543 6.29 -10.09 -47.09
CA LYS A 543 6.76 -9.89 -45.72
C LYS A 543 6.15 -8.61 -45.15
N GLU A 544 6.23 -7.52 -45.92
CA GLU A 544 5.71 -6.22 -45.48
C GLU A 544 4.22 -6.31 -45.22
N LYS A 545 3.51 -6.95 -46.14
CA LYS A 545 2.08 -7.21 -45.99
C LYS A 545 1.79 -7.86 -44.63
N ILE A 546 2.49 -8.95 -44.31
CA ILE A 546 2.36 -9.62 -43.03
C ILE A 546 2.63 -8.64 -41.88
N LEU A 547 3.78 -7.97 -41.94
CA LEU A 547 4.22 -7.09 -40.86
C LEU A 547 3.29 -5.90 -40.68
N SER A 548 2.81 -5.31 -41.79
CA SER A 548 1.90 -4.16 -41.71
C SER A 548 0.60 -4.50 -40.99
N VAL A 549 0.01 -5.65 -41.31
CA VAL A 549 -1.16 -6.08 -40.57
C VAL A 549 -0.86 -6.22 -39.08
N ILE A 550 0.27 -6.88 -38.76
CA ILE A 550 0.62 -7.11 -37.37
C ILE A 550 0.75 -5.78 -36.66
N LYS A 551 1.46 -4.85 -37.29
CA LYS A 551 1.63 -3.52 -36.74
C LYS A 551 0.26 -2.89 -36.48
N GLU A 552 -0.62 -2.93 -37.48
CA GLU A 552 -1.96 -2.35 -37.37
C GLU A 552 -2.76 -2.92 -36.18
N TRP A 553 -2.68 -4.23 -35.98
CA TRP A 553 -3.40 -4.93 -34.90
C TRP A 553 -2.87 -4.64 -33.51
N GLY A 554 -1.57 -4.39 -33.41
CA GLY A 554 -0.92 -4.20 -32.13
C GLY A 554 -0.94 -2.75 -31.72
N THR A 555 -0.83 -1.88 -32.72
CA THR A 555 -0.60 -0.44 -32.55
C THR A 555 -1.86 0.38 -32.81
N GLY A 556 -2.92 -0.27 -33.28
CA GLY A 556 -4.20 0.40 -33.48
C GLY A 556 -5.13 0.26 -32.29
N ARG A 557 -6.39 0.65 -32.48
CA ARG A 557 -7.41 0.57 -31.43
C ARG A 557 -7.73 -0.87 -31.03
N ASP A 558 -7.29 -1.84 -31.83
CA ASP A 558 -7.44 -3.25 -31.43
C ASP A 558 -6.58 -3.65 -30.22
N THR A 559 -5.41 -3.02 -30.06
CA THR A 559 -4.43 -3.34 -28.99
C THR A 559 -4.27 -4.84 -28.75
N LEU A 560 -4.01 -5.58 -29.80
CA LEU A 560 -3.96 -7.03 -29.69
C LEU A 560 -2.51 -7.49 -29.61
N ARG A 561 -2.29 -8.48 -28.77
CA ARG A 561 -1.00 -9.11 -28.66
C ARG A 561 -0.94 -10.16 -29.75
N CYS A 562 -0.02 -9.97 -30.69
CA CYS A 562 0.12 -10.90 -31.80
C CYS A 562 1.12 -12.05 -31.60
N LEU A 563 0.84 -13.18 -32.24
CA LEU A 563 1.66 -14.37 -32.20
C LEU A 563 1.78 -14.91 -33.64
N ALA A 564 3.00 -15.12 -34.14
CA ALA A 564 3.16 -15.75 -35.45
C ALA A 564 3.21 -17.26 -35.26
N LEU A 565 2.62 -17.99 -36.20
CA LEU A 565 2.69 -19.44 -36.21
C LEU A 565 3.33 -19.92 -37.49
N ALA A 566 4.23 -20.89 -37.33
CA ALA A 566 4.96 -21.45 -38.46
C ALA A 566 5.29 -22.93 -38.25
N THR A 567 5.66 -23.59 -39.34
CA THR A 567 6.09 -24.96 -39.20
C THR A 567 7.34 -25.17 -40.01
N ARG A 568 8.22 -26.02 -39.46
CA ARG A 568 9.39 -26.49 -40.20
C ARG A 568 9.02 -27.82 -40.88
N ASP A 569 8.91 -27.74 -42.20
CA ASP A 569 8.55 -28.87 -43.04
C ASP A 569 9.62 -29.96 -43.04
N THR A 570 10.87 -29.55 -43.25
CA THR A 570 12.03 -30.45 -43.18
C THR A 570 12.82 -30.20 -41.88
N PRO A 571 12.30 -30.71 -40.76
CA PRO A 571 13.06 -30.49 -39.53
C PRO A 571 14.33 -31.35 -39.48
N PRO A 572 15.38 -30.87 -38.78
CA PRO A 572 16.59 -31.71 -38.63
C PRO A 572 16.21 -33.07 -38.10
N LYS A 573 17.02 -34.07 -38.43
CA LYS A 573 16.84 -35.43 -37.95
C LYS A 573 16.85 -35.45 -36.43
N ARG A 574 16.02 -36.31 -35.85
CA ARG A 574 15.88 -36.36 -34.41
C ARG A 574 17.23 -36.51 -33.69
N GLU A 575 18.10 -37.37 -34.23
CA GLU A 575 19.43 -37.65 -33.65
C GLU A 575 20.35 -36.43 -33.69
N GLU A 576 20.11 -35.51 -34.62
CA GLU A 576 21.03 -34.40 -34.83
C GLU A 576 20.79 -33.22 -33.86
N MET A 577 19.87 -33.41 -32.91
CA MET A 577 19.45 -32.33 -32.02
C MET A 577 19.74 -32.58 -30.56
N VAL A 578 20.44 -31.62 -29.95
CA VAL A 578 20.68 -31.62 -28.51
C VAL A 578 19.58 -30.82 -27.80
N LEU A 579 18.70 -31.56 -27.11
CA LEU A 579 17.58 -30.95 -26.42
C LEU A 579 18.02 -30.31 -25.10
N ASP A 580 19.33 -30.17 -24.93
CA ASP A 580 19.92 -29.70 -23.67
C ASP A 580 20.48 -28.30 -23.80
N ASP A 581 20.80 -27.91 -25.02
CA ASP A 581 21.43 -26.62 -25.26
C ASP A 581 20.41 -25.63 -25.80
N SER A 582 19.68 -25.00 -24.88
CA SER A 582 18.62 -24.06 -25.25
C SER A 582 19.12 -22.99 -26.21
N SER A 583 20.43 -22.77 -26.21
CA SER A 583 21.09 -21.83 -27.13
C SER A 583 21.12 -22.33 -28.58
N ARG A 584 20.72 -23.57 -28.80
CA ARG A 584 20.66 -24.16 -30.15
C ARG A 584 19.23 -24.19 -30.70
N PHE A 585 18.27 -23.74 -29.90
CA PHE A 585 16.85 -23.83 -30.25
C PHE A 585 16.46 -22.94 -31.42
N MET A 586 16.98 -21.72 -31.47
CA MET A 586 16.73 -20.84 -32.60
C MET A 586 17.19 -21.49 -33.89
N GLU A 587 18.35 -22.13 -33.83
CA GLU A 587 18.96 -22.80 -34.96
C GLU A 587 18.08 -23.96 -35.46
N TYR A 588 17.47 -24.69 -34.53
CA TYR A 588 16.58 -25.78 -34.90
C TYR A 588 15.26 -25.24 -35.47
N GLU A 589 14.99 -23.96 -35.20
CA GLU A 589 13.79 -23.27 -35.65
C GLU A 589 14.12 -22.29 -36.78
N THR A 590 14.75 -22.78 -37.85
CA THR A 590 15.02 -21.91 -38.99
C THR A 590 14.50 -22.58 -40.23
N ASP A 591 14.67 -21.93 -41.38
CA ASP A 591 14.09 -22.43 -42.62
C ASP A 591 12.64 -22.86 -42.38
N LEU A 592 11.86 -21.96 -41.79
CA LEU A 592 10.45 -22.21 -41.45
C LEU A 592 9.50 -21.84 -42.59
N THR A 593 8.27 -22.33 -42.45
CA THR A 593 7.16 -21.94 -43.31
C THR A 593 6.10 -21.17 -42.51
N PHE A 594 5.87 -19.91 -42.88
CA PHE A 594 4.84 -19.09 -42.24
C PHE A 594 3.44 -19.62 -42.49
N VAL A 595 2.72 -19.89 -41.42
CA VAL A 595 1.35 -20.39 -41.56
C VAL A 595 0.32 -19.29 -41.30
N GLY A 596 0.39 -18.64 -40.14
CA GLY A 596 -0.54 -17.57 -39.81
C GLY A 596 -0.25 -16.78 -38.56
N VAL A 597 -1.19 -15.91 -38.19
CA VAL A 597 -1.08 -15.05 -37.03
C VAL A 597 -2.39 -15.06 -36.28
N VAL A 598 -2.33 -15.12 -34.95
CA VAL A 598 -3.49 -14.90 -34.13
C VAL A 598 -3.24 -13.64 -33.28
N GLY A 599 -4.30 -12.84 -33.09
CA GLY A 599 -4.25 -11.65 -32.26
C GLY A 599 -5.17 -11.87 -31.08
N MET A 600 -4.62 -11.77 -29.86
CA MET A 600 -5.44 -11.93 -28.66
C MET A 600 -5.58 -10.63 -27.88
N LEU A 601 -6.61 -10.58 -27.03
CA LEU A 601 -6.85 -9.40 -26.22
C LEU A 601 -6.85 -9.75 -24.74
N ASP A 602 -6.21 -8.88 -23.97
CA ASP A 602 -6.40 -8.82 -22.53
C ASP A 602 -7.19 -7.55 -22.31
N PRO A 603 -8.50 -7.67 -22.06
CA PRO A 603 -9.36 -6.49 -21.95
C PRO A 603 -9.15 -5.64 -20.69
N PRO A 604 -9.14 -4.31 -20.86
CA PRO A 604 -9.29 -3.38 -19.75
C PRO A 604 -10.49 -3.74 -18.89
N ARG A 605 -10.31 -3.72 -17.57
CA ARG A 605 -11.42 -3.75 -16.62
C ARG A 605 -12.44 -2.67 -16.97
N LYS A 606 -13.72 -2.98 -16.81
CA LYS A 606 -14.82 -2.05 -17.15
C LYS A 606 -14.75 -0.69 -16.44
N GLU A 607 -14.18 -0.67 -15.23
CA GLU A 607 -14.13 0.55 -14.41
C GLU A 607 -12.93 1.46 -14.70
N VAL A 608 -11.90 0.92 -15.34
CA VAL A 608 -10.61 1.60 -15.52
C VAL A 608 -10.71 2.90 -16.27
N MET A 609 -11.44 2.88 -17.39
CA MET A 609 -11.66 4.09 -18.18
C MET A 609 -12.12 5.22 -17.24
N GLY A 610 -13.17 4.92 -16.46
CA GLY A 610 -13.75 5.87 -15.51
C GLY A 610 -12.73 6.35 -14.49
N SER A 611 -12.12 5.36 -13.80
CA SER A 611 -11.14 5.63 -12.75
C SER A 611 -9.98 6.48 -13.22
N ILE A 612 -9.53 6.26 -14.46
CA ILE A 612 -8.45 7.06 -14.97
C ILE A 612 -8.90 8.50 -15.10
N GLN A 613 -10.14 8.73 -15.54
CA GLN A 613 -10.63 10.11 -15.70
C GLN A 613 -10.78 10.85 -14.37
N LEU A 614 -11.33 10.15 -13.36
CA LEU A 614 -11.29 10.68 -11.99
C LEU A 614 -9.92 11.25 -11.60
N CYS A 615 -8.84 10.51 -11.91
CA CYS A 615 -7.47 10.93 -11.56
C CYS A 615 -7.07 12.23 -12.24
N ARG A 616 -7.46 12.37 -13.50
CA ARG A 616 -7.13 13.58 -14.26
C ARG A 616 -7.83 14.78 -13.63
N ASP A 617 -9.04 14.55 -13.15
CA ASP A 617 -9.82 15.57 -12.45
C ASP A 617 -9.10 15.89 -11.15
N ALA A 618 -8.72 14.84 -10.43
CA ALA A 618 -8.04 15.01 -9.15
C ALA A 618 -6.57 15.42 -9.28
N GLY A 619 -6.10 15.68 -10.49
CA GLY A 619 -4.70 16.05 -10.71
C GLY A 619 -3.68 14.98 -10.30
N ILE A 620 -4.12 13.73 -10.23
CA ILE A 620 -3.23 12.61 -9.99
C ILE A 620 -2.75 12.01 -11.31
N ARG A 621 -1.44 12.02 -11.52
CA ARG A 621 -0.84 11.39 -12.70
C ARG A 621 -0.92 9.85 -12.62
N VAL A 622 -1.05 9.20 -13.78
CA VAL A 622 -1.06 7.73 -13.82
C VAL A 622 0.01 7.15 -14.75
N ILE A 623 0.83 6.26 -14.19
CA ILE A 623 1.85 5.59 -14.99
C ILE A 623 1.58 4.09 -15.08
N MET A 624 1.54 3.60 -16.31
CA MET A 624 1.34 2.18 -16.56
C MET A 624 2.69 1.50 -16.69
N ILE A 625 2.87 0.41 -15.97
CA ILE A 625 4.06 -0.45 -16.12
C ILE A 625 3.61 -1.79 -16.73
N THR A 626 4.05 -2.07 -17.96
CA THR A 626 3.58 -3.23 -18.69
C THR A 626 4.70 -4.01 -19.35
N GLY A 627 4.41 -5.28 -19.65
CA GLY A 627 5.30 -6.13 -20.44
C GLY A 627 5.10 -6.12 -21.95
N ASP A 628 4.06 -5.44 -22.43
CA ASP A 628 3.88 -5.22 -23.87
C ASP A 628 5.09 -4.51 -24.45
N ASN A 629 5.34 -4.68 -25.74
CA ASN A 629 6.31 -3.85 -26.41
C ASN A 629 5.84 -2.37 -26.33
N LYS A 630 6.67 -1.44 -26.78
CA LYS A 630 6.41 -0.01 -26.69
C LYS A 630 5.14 0.43 -27.41
N GLY A 631 5.04 0.06 -28.70
CA GLY A 631 3.92 0.44 -29.54
C GLY A 631 2.56 0.05 -28.99
N THR A 632 2.46 -1.21 -28.52
CA THR A 632 1.24 -1.73 -27.93
C THR A 632 1.00 -1.12 -26.55
N ALA A 633 2.08 -0.92 -25.79
CA ALA A 633 1.99 -0.26 -24.49
C ALA A 633 1.26 1.08 -24.68
N ILE A 634 1.77 1.89 -25.60
CA ILE A 634 1.21 3.18 -25.95
C ILE A 634 -0.23 3.07 -26.43
N ALA A 635 -0.50 2.06 -27.24
CA ALA A 635 -1.82 1.88 -27.83
C ALA A 635 -2.82 1.60 -26.73
N ILE A 636 -2.42 0.78 -25.76
CA ILE A 636 -3.27 0.49 -24.61
C ILE A 636 -3.48 1.73 -23.73
N CYS A 637 -2.41 2.53 -23.59
CA CYS A 637 -2.50 3.79 -22.88
C CYS A 637 -3.51 4.73 -23.58
N ARG A 638 -3.43 4.86 -24.90
CA ARG A 638 -4.45 5.65 -25.62
C ARG A 638 -5.83 5.07 -25.35
N ARG A 639 -5.96 3.75 -25.52
CA ARG A 639 -7.23 3.06 -25.27
C ARG A 639 -7.87 3.30 -23.91
N ILE A 640 -7.09 3.34 -22.84
CA ILE A 640 -7.69 3.46 -21.53
C ILE A 640 -7.85 4.89 -21.04
N GLY A 641 -7.21 5.84 -21.70
CA GLY A 641 -7.37 7.23 -21.34
C GLY A 641 -6.09 7.88 -20.89
N ILE A 642 -5.11 7.06 -20.50
CA ILE A 642 -3.80 7.57 -20.06
C ILE A 642 -3.22 8.54 -21.08
N PHE A 643 -3.31 8.20 -22.36
CA PHE A 643 -2.89 9.11 -23.42
C PHE A 643 -4.08 9.58 -24.24
N GLY A 644 -4.01 10.81 -24.75
CA GLY A 644 -4.98 11.27 -25.73
C GLY A 644 -4.82 10.45 -26.99
N GLU A 645 -5.92 10.18 -27.66
CA GLU A 645 -5.93 9.32 -28.85
C GLU A 645 -4.89 9.76 -29.90
N ASN A 646 -4.77 11.08 -30.12
CA ASN A 646 -3.89 11.62 -31.15
C ASN A 646 -2.79 12.56 -30.63
N GLU A 647 -2.52 12.54 -29.33
CA GLU A 647 -1.47 13.42 -28.78
C GLU A 647 -0.05 12.83 -28.87
N GLU A 648 0.94 13.72 -28.91
CA GLU A 648 2.35 13.36 -28.95
C GLU A 648 2.80 12.70 -27.65
N VAL A 649 3.60 11.63 -27.78
CA VAL A 649 4.06 10.87 -26.60
C VAL A 649 5.56 10.54 -26.59
N ALA A 650 6.27 11.01 -27.62
CA ALA A 650 7.69 10.69 -27.83
C ALA A 650 8.52 10.63 -26.55
N ASP A 651 8.29 11.58 -25.66
CA ASP A 651 9.06 11.77 -24.44
C ASP A 651 8.26 11.39 -23.18
N ARG A 652 7.30 10.49 -23.32
CA ARG A 652 6.44 10.09 -22.18
C ARG A 652 6.23 8.58 -22.14
N ALA A 653 6.93 7.87 -23.01
CA ALA A 653 6.91 6.41 -23.03
C ALA A 653 8.35 5.90 -23.10
N TYR A 654 8.70 4.97 -22.23
CA TYR A 654 10.03 4.37 -22.28
C TYR A 654 10.02 2.85 -22.09
N THR A 655 10.92 2.18 -22.79
CA THR A 655 11.20 0.78 -22.52
C THR A 655 12.34 0.77 -21.51
N GLY A 656 12.59 -0.37 -20.88
CA GLY A 656 13.73 -0.51 -19.97
C GLY A 656 15.03 -0.11 -20.65
N ARG A 657 15.25 -0.65 -21.84
CA ARG A 657 16.43 -0.36 -22.66
C ARG A 657 16.65 1.14 -22.75
N GLU A 658 15.74 1.84 -23.44
CA GLU A 658 15.79 3.29 -23.58
C GLU A 658 16.11 4.02 -22.28
N PHE A 659 15.47 3.59 -21.19
CA PHE A 659 15.60 4.24 -19.89
C PHE A 659 17.00 4.05 -19.28
N ASP A 660 17.55 2.84 -19.42
CA ASP A 660 18.90 2.55 -18.95
C ASP A 660 19.97 3.41 -19.68
N ASP A 661 19.73 3.66 -20.97
CA ASP A 661 20.69 4.38 -21.83
C ASP A 661 20.78 5.86 -21.44
N LEU A 662 19.65 6.44 -21.02
CA LEU A 662 19.61 7.80 -20.53
C LEU A 662 20.50 7.96 -19.30
N PRO A 663 21.30 9.05 -19.25
CA PRO A 663 22.10 9.35 -18.07
C PRO A 663 21.24 9.82 -16.89
N LEU A 664 21.74 9.61 -15.67
CA LEU A 664 21.00 9.84 -14.43
C LEU A 664 20.09 11.07 -14.43
N ALA A 665 20.61 12.20 -14.90
CA ALA A 665 19.86 13.46 -14.95
C ALA A 665 18.59 13.33 -15.80
N GLU A 666 18.75 12.72 -16.96
CA GLU A 666 17.68 12.58 -17.92
C GLU A 666 16.64 11.57 -17.48
N GLN A 667 17.08 10.51 -16.79
CA GLN A 667 16.14 9.54 -16.21
C GLN A 667 15.20 10.23 -15.23
N ARG A 668 15.79 11.03 -14.34
CA ARG A 668 15.04 11.83 -13.38
C ARG A 668 14.08 12.74 -14.13
N GLU A 669 14.55 13.31 -15.23
CA GLU A 669 13.77 14.21 -16.07
C GLU A 669 12.60 13.43 -16.68
N ALA A 670 12.91 12.29 -17.26
CA ALA A 670 11.94 11.41 -17.89
C ALA A 670 10.80 11.01 -16.96
N CYS A 671 11.13 10.80 -15.69
CA CYS A 671 10.15 10.34 -14.73
C CYS A 671 9.14 11.41 -14.37
N ARG A 672 9.47 12.68 -14.60
CA ARG A 672 8.52 13.72 -14.24
C ARG A 672 7.35 13.75 -15.22
N ARG A 673 7.63 13.43 -16.48
CA ARG A 673 6.61 13.51 -17.54
C ARG A 673 6.07 12.16 -18.08
N ALA A 674 6.64 11.04 -17.65
CA ALA A 674 6.29 9.74 -18.21
C ALA A 674 4.96 9.18 -17.69
N CYS A 675 4.25 8.45 -18.55
CA CYS A 675 2.99 7.82 -18.18
C CYS A 675 2.98 6.34 -18.59
N CYS A 676 4.03 5.93 -19.28
CA CYS A 676 4.13 4.59 -19.79
C CYS A 676 5.56 4.04 -19.73
N PHE A 677 5.76 3.00 -18.94
CA PHE A 677 7.01 2.25 -18.98
C PHE A 677 6.70 0.82 -19.44
N ALA A 678 7.34 0.45 -20.55
CA ALA A 678 7.24 -0.89 -21.12
C ALA A 678 8.55 -1.68 -20.90
N ARG A 679 8.44 -3.01 -20.77
CA ARG A 679 9.62 -3.89 -20.65
C ARG A 679 10.63 -3.32 -19.64
N VAL A 680 10.21 -3.28 -18.39
CA VAL A 680 10.94 -2.62 -17.33
C VAL A 680 11.88 -3.61 -16.65
N GLU A 681 13.09 -3.16 -16.32
CA GLU A 681 14.11 -4.02 -15.67
C GLU A 681 13.81 -4.27 -14.19
N PRO A 682 14.53 -5.22 -13.56
CA PRO A 682 14.36 -5.51 -12.13
C PRO A 682 14.48 -4.30 -11.19
N SER A 683 15.42 -3.39 -11.50
CA SER A 683 15.71 -2.25 -10.64
C SER A 683 14.86 -1.01 -10.93
N HIS A 684 13.99 -1.08 -11.94
CA HIS A 684 13.36 0.13 -12.45
C HIS A 684 12.27 0.75 -11.61
N LYS A 685 11.34 -0.08 -11.12
CA LYS A 685 10.25 0.40 -10.27
C LYS A 685 10.85 1.23 -9.15
N SER A 686 11.90 0.69 -8.55
CA SER A 686 12.59 1.27 -7.42
C SER A 686 13.30 2.58 -7.80
N LYS A 687 14.02 2.60 -8.92
CA LYS A 687 14.62 3.85 -9.39
C LYS A 687 13.55 4.85 -9.81
N ILE A 688 12.46 4.34 -10.39
CA ILE A 688 11.37 5.22 -10.82
C ILE A 688 10.80 5.93 -9.58
N VAL A 689 10.65 5.17 -8.51
CA VAL A 689 10.13 5.73 -7.27
C VAL A 689 11.07 6.80 -6.70
N GLU A 690 12.38 6.61 -6.85
CA GLU A 690 13.34 7.54 -6.30
C GLU A 690 13.15 8.87 -6.97
N TYR A 691 13.23 8.86 -8.30
CA TYR A 691 13.10 10.06 -9.10
C TYR A 691 11.81 10.79 -8.82
N LEU A 692 10.71 10.03 -8.70
CA LEU A 692 9.44 10.62 -8.37
C LEU A 692 9.48 11.34 -7.03
N GLN A 693 10.21 10.80 -6.07
CA GLN A 693 10.33 11.43 -4.75
C GLN A 693 11.24 12.66 -4.74
N SER A 694 12.21 12.69 -5.66
CA SER A 694 13.04 13.87 -5.85
C SER A 694 12.25 15.09 -6.35
N TYR A 695 11.01 14.88 -6.79
CA TYR A 695 10.09 15.98 -7.11
C TYR A 695 9.02 16.12 -6.03
N ASP A 696 9.22 15.46 -4.90
CA ASP A 696 8.27 15.48 -3.77
C ASP A 696 6.88 14.92 -4.10
N GLU A 697 6.80 13.98 -5.06
CA GLU A 697 5.55 13.29 -5.37
C GLU A 697 5.22 12.28 -4.26
N ILE A 698 3.94 12.18 -3.91
CA ILE A 698 3.47 11.10 -3.06
C ILE A 698 3.11 9.95 -4.01
N THR A 699 3.89 8.88 -3.98
CA THR A 699 3.80 7.81 -4.97
C THR A 699 3.16 6.50 -4.52
N ALA A 700 2.21 6.07 -5.33
CA ALA A 700 1.59 4.77 -5.18
C ALA A 700 2.25 3.86 -6.20
N MET A 701 2.57 2.65 -5.77
CA MET A 701 3.26 1.70 -6.64
C MET A 701 2.67 0.35 -6.38
N THR A 702 2.20 -0.30 -7.45
CA THR A 702 1.64 -1.65 -7.32
C THR A 702 2.77 -2.68 -7.46
N GLY A 703 2.60 -3.84 -6.83
CA GLY A 703 3.54 -4.95 -7.04
C GLY A 703 2.97 -6.23 -6.44
N ASP A 704 3.62 -7.38 -6.65
CA ASP A 704 3.07 -8.63 -6.09
C ASP A 704 4.04 -9.74 -5.71
N GLY A 705 5.32 -9.58 -6.04
CA GLY A 705 6.33 -10.56 -5.67
C GLY A 705 7.43 -10.02 -4.77
N VAL A 706 8.25 -10.93 -4.24
CA VAL A 706 9.41 -10.58 -3.44
C VAL A 706 10.29 -9.56 -4.16
N ASN A 707 10.34 -9.64 -5.48
CA ASN A 707 11.16 -8.71 -6.26
C ASN A 707 10.54 -7.32 -6.37
N ASP A 708 9.25 -7.19 -6.06
CA ASP A 708 8.63 -5.87 -5.98
C ASP A 708 8.76 -5.26 -4.58
N ALA A 709 8.87 -6.12 -3.57
CA ALA A 709 9.03 -5.67 -2.18
C ALA A 709 9.86 -4.38 -1.95
N PRO A 710 11.06 -4.27 -2.55
CA PRO A 710 11.81 -3.02 -2.32
C PRO A 710 11.07 -1.75 -2.73
N ALA A 711 10.51 -1.73 -3.94
CA ALA A 711 9.73 -0.59 -4.41
C ALA A 711 8.50 -0.36 -3.55
N LEU A 712 7.76 -1.44 -3.28
CA LEU A 712 6.63 -1.34 -2.37
C LEU A 712 7.01 -0.64 -1.07
N LYS A 713 8.19 -0.99 -0.53
CA LYS A 713 8.63 -0.41 0.71
C LYS A 713 9.02 1.06 0.52
N LYS A 714 9.68 1.37 -0.59
CA LYS A 714 10.10 2.73 -0.85
C LYS A 714 8.93 3.70 -1.07
N ALA A 715 8.05 3.41 -2.03
CA ALA A 715 6.90 4.26 -2.29
C ALA A 715 6.14 4.56 -1.00
N GLU A 716 5.45 5.69 -0.96
CA GLU A 716 4.68 6.09 0.20
C GLU A 716 3.45 5.25 0.36
N ILE A 717 2.88 4.83 -0.77
CA ILE A 717 1.78 3.87 -0.73
C ILE A 717 2.15 2.70 -1.61
N GLY A 718 2.71 1.68 -0.99
CA GLY A 718 2.96 0.44 -1.68
C GLY A 718 1.65 -0.29 -1.74
N ILE A 719 1.35 -0.85 -2.90
CA ILE A 719 0.08 -1.50 -3.09
C ILE A 719 0.31 -2.92 -3.58
N ALA A 720 -0.23 -3.88 -2.84
CA ALA A 720 -0.08 -5.30 -3.18
C ALA A 720 -1.41 -5.86 -3.64
N MET A 721 -1.33 -6.94 -4.40
CA MET A 721 -2.49 -7.60 -4.93
C MET A 721 -3.04 -8.54 -3.88
N GLY A 722 -4.37 -8.66 -3.81
CA GLY A 722 -5.00 -9.67 -2.94
C GLY A 722 -4.43 -11.03 -3.28
N SER A 723 -4.36 -11.31 -4.57
CA SER A 723 -3.87 -12.59 -5.08
C SER A 723 -2.35 -12.70 -5.05
N GLY A 724 -1.64 -11.74 -4.46
CA GLY A 724 -0.17 -11.74 -4.45
C GLY A 724 0.46 -12.46 -3.28
N THR A 725 1.79 -12.43 -3.21
CA THR A 725 2.54 -13.13 -2.15
C THR A 725 2.39 -12.43 -0.80
N ALA A 726 2.39 -13.20 0.28
CA ALA A 726 2.30 -12.63 1.62
C ALA A 726 3.38 -11.60 1.89
N VAL A 727 4.55 -11.79 1.29
CA VAL A 727 5.67 -10.86 1.47
C VAL A 727 5.38 -9.50 0.86
N ALA A 728 4.88 -9.48 -0.37
CA ALA A 728 4.50 -8.22 -1.01
C ALA A 728 3.42 -7.50 -0.19
N LYS A 729 2.46 -8.26 0.33
CA LYS A 729 1.46 -7.68 1.21
C LYS A 729 2.08 -6.99 2.42
N THR A 730 2.99 -7.69 3.12
CA THR A 730 3.53 -7.19 4.38
C THR A 730 4.47 -6.00 4.10
N ALA A 731 4.89 -5.86 2.86
CA ALA A 731 5.70 -4.72 2.44
C ALA A 731 4.86 -3.50 2.00
N SER A 732 3.55 -3.66 1.96
CA SER A 732 2.70 -2.61 1.41
C SER A 732 1.81 -1.87 2.42
N GLU A 733 1.61 -0.58 2.18
CA GLU A 733 0.59 0.18 2.91
C GLU A 733 -0.83 -0.30 2.63
N MET A 734 -1.09 -0.84 1.44
CA MET A 734 -2.45 -1.28 1.12
C MET A 734 -2.46 -2.55 0.25
N VAL A 735 -3.47 -3.40 0.46
CA VAL A 735 -3.73 -4.58 -0.39
C VAL A 735 -5.07 -4.49 -1.16
N LEU A 736 -5.05 -4.80 -2.46
CA LEU A 736 -6.27 -4.79 -3.26
C LEU A 736 -6.98 -6.13 -3.24
N ALA A 737 -8.01 -6.23 -2.42
CA ALA A 737 -8.76 -7.48 -2.27
C ALA A 737 -9.14 -8.06 -3.61
N ASP A 738 -9.38 -7.19 -4.58
CA ASP A 738 -9.82 -7.59 -5.92
C ASP A 738 -8.80 -7.32 -7.05
N ASP A 739 -7.63 -6.76 -6.74
CA ASP A 739 -6.59 -6.54 -7.75
C ASP A 739 -6.87 -5.41 -8.77
N ASN A 740 -7.98 -4.70 -8.56
CA ASN A 740 -8.50 -3.73 -9.50
C ASN A 740 -7.94 -2.33 -9.28
N PHE A 741 -7.40 -1.72 -10.33
CA PHE A 741 -6.90 -0.34 -10.29
C PHE A 741 -7.92 0.64 -9.72
N SER A 742 -9.20 0.42 -10.03
CA SER A 742 -10.27 1.27 -9.51
C SER A 742 -10.38 1.30 -7.97
N THR A 743 -10.06 0.19 -7.32
CA THR A 743 -9.97 0.13 -5.86
C THR A 743 -9.01 1.17 -5.32
N ILE A 744 -7.95 1.45 -6.06
CA ILE A 744 -6.92 2.42 -5.66
C ILE A 744 -7.51 3.82 -5.64
N VAL A 745 -7.96 4.27 -6.81
CA VAL A 745 -8.66 5.55 -6.94
C VAL A 745 -9.78 5.78 -5.91
N ALA A 746 -10.61 4.77 -5.65
CA ALA A 746 -11.64 4.88 -4.62
C ALA A 746 -11.03 5.09 -3.23
N ALA A 747 -9.94 4.39 -2.92
CA ALA A 747 -9.31 4.48 -1.61
C ALA A 747 -8.59 5.84 -1.48
N VAL A 748 -8.13 6.40 -2.58
CA VAL A 748 -7.61 7.76 -2.52
C VAL A 748 -8.73 8.75 -2.16
N GLU A 749 -9.90 8.56 -2.76
CA GLU A 749 -11.02 9.46 -2.54
C GLU A 749 -11.46 9.39 -1.08
N GLU A 750 -11.45 8.16 -0.56
CA GLU A 750 -11.80 7.95 0.83
C GLU A 750 -10.80 8.67 1.73
N GLY A 751 -9.56 8.76 1.27
CA GLY A 751 -8.47 9.35 2.05
C GLY A 751 -8.58 10.85 2.13
N ARG A 752 -8.99 11.46 1.02
CA ARG A 752 -9.24 12.88 1.01
C ARG A 752 -10.38 13.24 1.94
N ALA A 753 -11.42 12.41 1.92
CA ALA A 753 -12.64 12.65 2.66
C ALA A 753 -12.36 12.58 4.15
N ILE A 754 -11.49 11.66 4.52
CA ILE A 754 -11.14 11.41 5.90
C ILE A 754 -10.21 12.51 6.41
N TYR A 755 -9.30 12.99 5.57
CA TYR A 755 -8.40 14.05 6.00
C TYR A 755 -9.12 15.37 6.24
N ASN A 756 -10.07 15.68 5.35
CA ASN A 756 -10.86 16.89 5.53
C ASN A 756 -11.54 16.93 6.89
N ASN A 757 -12.12 15.79 7.28
CA ASN A 757 -12.77 15.69 8.57
C ASN A 757 -11.76 15.73 9.71
N MET A 758 -10.56 15.17 9.51
CA MET A 758 -9.54 15.15 10.57
C MET A 758 -9.15 16.58 10.90
N LYS A 759 -8.92 17.38 9.86
CA LYS A 759 -8.64 18.79 10.04
C LYS A 759 -9.67 19.42 10.94
N GLN A 760 -10.94 19.05 10.71
CA GLN A 760 -12.03 19.60 11.48
C GLN A 760 -11.91 19.26 12.96
N PHE A 761 -11.90 17.98 13.30
CA PHE A 761 -11.83 17.60 14.72
C PHE A 761 -10.47 17.89 15.37
N ILE A 762 -9.43 18.03 14.57
CA ILE A 762 -8.17 18.47 15.11
C ILE A 762 -8.31 19.93 15.53
N ARG A 763 -8.82 20.76 14.63
CA ARG A 763 -8.99 22.19 14.93
C ARG A 763 -9.98 22.45 16.06
N TYR A 764 -11.04 21.64 16.13
CA TYR A 764 -12.01 21.66 17.20
C TYR A 764 -11.38 21.42 18.55
N LEU A 765 -10.55 20.39 18.64
CA LEU A 765 -9.93 19.99 19.89
C LEU A 765 -8.89 20.98 20.35
N ILE A 766 -7.97 21.36 19.45
CA ILE A 766 -6.89 22.28 19.82
C ILE A 766 -7.50 23.60 20.23
N SER A 767 -8.51 24.05 19.49
CA SER A 767 -9.21 25.28 19.84
C SER A 767 -9.82 25.21 21.23
N SER A 768 -10.31 24.03 21.60
CA SER A 768 -10.80 23.78 22.95
C SER A 768 -9.70 24.02 23.98
N ASN A 769 -8.49 23.52 23.72
CA ASN A 769 -7.36 23.75 24.63
C ASN A 769 -7.05 25.23 24.80
N VAL A 770 -7.14 25.98 23.71
CA VAL A 770 -6.86 27.42 23.75
C VAL A 770 -7.71 28.13 24.80
N GLY A 771 -9.03 27.93 24.72
CA GLY A 771 -9.96 28.48 25.71
C GLY A 771 -9.68 28.03 27.13
N GLU A 772 -9.32 26.76 27.28
CA GLU A 772 -8.91 26.24 28.57
C GLU A 772 -7.70 26.96 29.14
N VAL A 773 -6.72 27.25 28.28
CA VAL A 773 -5.51 27.95 28.70
C VAL A 773 -5.84 29.40 29.09
N VAL A 774 -6.67 30.07 28.28
CA VAL A 774 -7.16 31.41 28.58
C VAL A 774 -7.83 31.45 29.95
N CYS A 775 -8.69 30.46 30.23
CA CYS A 775 -9.43 30.37 31.49
C CYS A 775 -8.51 30.27 32.70
N ILE A 776 -7.48 29.44 32.58
CA ILE A 776 -6.47 29.28 33.63
C ILE A 776 -5.69 30.58 33.78
N PHE A 777 -5.19 31.09 32.66
CA PHE A 777 -4.41 32.33 32.66
C PHE A 777 -5.16 33.53 33.23
N LEU A 778 -6.39 33.75 32.74
CA LEU A 778 -7.22 34.85 33.25
C LEU A 778 -7.34 34.75 34.76
N THR A 779 -7.78 33.58 35.25
CA THR A 779 -7.98 33.33 36.68
C THR A 779 -6.72 33.72 37.48
N ALA A 780 -5.56 33.32 36.98
CA ALA A 780 -4.28 33.64 37.60
C ALA A 780 -3.96 35.13 37.57
N ALA A 781 -4.05 35.74 36.39
CA ALA A 781 -3.74 37.18 36.25
C ALA A 781 -4.90 38.09 36.66
N LEU A 782 -5.92 37.51 37.30
CA LEU A 782 -6.99 38.28 37.93
C LEU A 782 -7.18 37.90 39.40
N GLY A 783 -6.25 37.09 39.92
CA GLY A 783 -6.25 36.67 41.32
C GLY A 783 -7.56 36.06 41.79
N LEU A 784 -8.26 35.43 40.85
CA LEU A 784 -9.53 34.78 41.15
C LEU A 784 -9.33 33.36 41.66
N PRO A 785 -10.38 32.78 42.29
CA PRO A 785 -10.42 31.35 42.59
C PRO A 785 -10.35 30.51 41.31
N GLU A 786 -9.53 29.47 41.34
CA GLU A 786 -9.42 28.57 40.20
C GLU A 786 -10.80 28.17 39.68
N ALA A 787 -11.03 28.41 38.40
CA ALA A 787 -12.34 28.19 37.78
C ALA A 787 -12.52 26.74 37.33
N LEU A 788 -11.41 26.11 36.94
CA LEU A 788 -11.41 24.74 36.46
C LEU A 788 -10.17 24.04 37.01
N ILE A 789 -10.30 22.75 37.31
CA ILE A 789 -9.16 21.96 37.82
C ILE A 789 -8.76 20.84 36.86
N PRO A 790 -7.52 20.33 36.99
CA PRO A 790 -7.00 19.31 36.07
C PRO A 790 -7.90 18.09 35.85
N VAL A 791 -8.48 17.55 36.90
CA VAL A 791 -9.35 16.37 36.74
C VAL A 791 -10.52 16.70 35.83
N GLN A 792 -11.04 17.93 35.95
CA GLN A 792 -12.15 18.38 35.14
C GLN A 792 -11.76 18.55 33.68
N LEU A 793 -10.62 19.22 33.45
CA LEU A 793 -10.08 19.38 32.11
C LEU A 793 -9.92 18.03 31.42
N LEU A 794 -9.18 17.14 32.07
CA LEU A 794 -8.94 15.80 31.56
C LEU A 794 -10.23 15.05 31.20
N TRP A 795 -11.29 15.25 31.96
CA TRP A 795 -12.57 14.65 31.61
C TRP A 795 -13.11 15.24 30.33
N VAL A 796 -13.02 16.56 30.20
CA VAL A 796 -13.52 17.25 29.01
C VAL A 796 -12.73 16.91 27.77
N ASN A 797 -11.41 16.81 27.91
CA ASN A 797 -10.54 16.55 26.76
C ASN A 797 -10.55 15.11 26.27
N LEU A 798 -11.08 14.22 27.10
CA LEU A 798 -11.07 12.79 26.81
C LEU A 798 -12.44 12.24 26.58
N VAL A 799 -13.43 12.80 27.28
CA VAL A 799 -14.78 12.30 27.18
C VAL A 799 -15.71 13.32 26.53
N THR A 800 -15.88 14.48 27.16
CA THR A 800 -16.90 15.42 26.71
C THR A 800 -16.69 15.86 25.25
N ASP A 801 -15.43 16.18 24.90
CA ASP A 801 -15.11 16.65 23.54
C ASP A 801 -14.76 15.52 22.58
N GLY A 802 -14.26 14.41 23.12
CA GLY A 802 -13.81 13.28 22.32
C GLY A 802 -14.95 12.64 21.55
N LEU A 803 -16.14 12.66 22.15
CA LEU A 803 -17.30 12.10 21.48
C LEU A 803 -17.67 12.93 20.23
N PRO A 804 -17.85 14.25 20.38
CA PRO A 804 -18.15 15.09 19.22
C PRO A 804 -17.00 15.10 18.21
N ALA A 805 -15.77 15.11 18.70
CA ALA A 805 -14.60 15.05 17.83
C ALA A 805 -14.70 13.83 16.91
N THR A 806 -15.00 12.67 17.48
CA THR A 806 -15.21 11.46 16.73
C THR A 806 -16.39 11.63 15.76
N ALA A 807 -17.53 12.09 16.27
CA ALA A 807 -18.70 12.27 15.41
C ALA A 807 -18.40 13.16 14.21
N LEU A 808 -17.47 14.11 14.39
CA LEU A 808 -17.04 14.99 13.30
C LEU A 808 -16.37 14.23 12.15
N GLY A 809 -15.79 13.08 12.48
CA GLY A 809 -15.21 12.17 11.48
C GLY A 809 -16.23 11.64 10.49
N PHE A 810 -17.52 11.67 10.85
CA PHE A 810 -18.57 11.31 9.92
C PHE A 810 -19.14 12.52 9.16
N ASN A 811 -18.46 13.66 9.22
CA ASN A 811 -18.91 14.82 8.45
C ASN A 811 -19.05 14.45 6.99
N PRO A 812 -20.17 14.82 6.34
CA PRO A 812 -20.37 14.46 4.94
C PRO A 812 -19.26 15.07 4.08
N PRO A 813 -18.83 14.34 3.03
CA PRO A 813 -17.76 14.80 2.15
C PRO A 813 -18.22 15.85 1.15
N ASP A 814 -17.34 16.80 0.85
CA ASP A 814 -17.54 17.76 -0.23
C ASP A 814 -17.75 17.07 -1.58
N LEU A 815 -18.72 17.53 -2.36
CA LEU A 815 -19.02 16.95 -3.67
C LEU A 815 -17.85 17.10 -4.65
N ASP A 816 -17.08 18.17 -4.45
CA ASP A 816 -15.98 18.54 -5.32
C ASP A 816 -14.63 17.94 -4.88
N ILE A 817 -14.68 16.93 -4.01
CA ILE A 817 -13.49 16.24 -3.47
C ILE A 817 -12.50 15.85 -4.58
N MET A 818 -12.96 15.09 -5.57
CA MET A 818 -12.07 14.63 -6.63
C MET A 818 -11.83 15.64 -7.73
N ASP A 819 -12.21 16.90 -7.51
CA ASP A 819 -12.12 17.89 -8.56
C ASP A 819 -11.04 18.92 -8.29
N ARG A 820 -10.27 18.67 -7.24
CA ARG A 820 -9.19 19.54 -6.78
C ARG A 820 -7.90 18.72 -6.85
N PRO A 821 -6.75 19.39 -7.05
CA PRO A 821 -5.49 18.67 -7.12
C PRO A 821 -5.13 17.95 -5.80
N PRO A 822 -4.01 17.18 -5.78
CA PRO A 822 -3.60 16.59 -4.52
C PRO A 822 -3.19 17.68 -3.54
N ARG A 823 -3.56 17.48 -2.28
CA ARG A 823 -3.14 18.35 -1.20
C ARG A 823 -1.64 18.31 -1.09
N SER A 824 -1.00 19.48 -0.99
CA SER A 824 0.45 19.56 -0.77
C SER A 824 0.79 19.12 0.66
N PRO A 825 1.83 18.26 0.80
CA PRO A 825 2.22 17.74 2.13
C PRO A 825 2.67 18.87 3.06
N LYS A 826 3.22 19.94 2.46
CA LYS A 826 3.67 21.13 3.20
C LYS A 826 2.53 22.01 3.73
N GLU A 827 1.31 21.78 3.23
CA GLU A 827 0.12 22.54 3.66
C GLU A 827 -0.01 22.55 5.19
N PRO A 828 0.06 23.75 5.81
CA PRO A 828 -0.14 23.88 7.27
C PRO A 828 -1.57 23.60 7.72
N LEU A 829 -1.72 23.08 8.93
CA LEU A 829 -3.03 22.68 9.49
C LEU A 829 -3.89 23.89 9.84
N ILE A 830 -3.30 24.80 10.63
CA ILE A 830 -3.93 26.01 11.13
C ILE A 830 -2.98 27.16 10.75
N SER A 831 -3.46 28.09 9.93
CA SER A 831 -2.60 29.21 9.50
C SER A 831 -3.34 30.43 8.99
N GLY A 832 -3.00 31.57 9.60
CA GLY A 832 -3.42 32.87 9.15
C GLY A 832 -4.73 33.32 9.74
N TRP A 833 -5.73 33.41 8.88
CA TRP A 833 -7.08 33.73 9.31
C TRP A 833 -7.49 32.76 10.37
N LEU A 834 -7.19 31.49 10.14
CA LEU A 834 -7.60 30.42 11.04
C LEU A 834 -7.00 30.59 12.43
N PHE A 835 -5.76 31.06 12.48
CA PHE A 835 -5.14 31.34 13.77
C PHE A 835 -5.94 32.40 14.52
N PHE A 836 -6.28 33.47 13.81
CA PHE A 836 -7.13 34.53 14.36
C PHE A 836 -8.48 34.03 14.87
N ARG A 837 -9.17 33.24 14.04
CA ARG A 837 -10.51 32.72 14.35
C ARG A 837 -10.49 32.01 15.67
N TYR A 838 -9.59 31.03 15.77
CA TYR A 838 -9.48 30.17 16.93
C TYR A 838 -8.86 30.90 18.12
N MET A 839 -8.05 31.93 17.82
CA MET A 839 -7.60 32.86 18.84
C MET A 839 -8.77 33.62 19.46
N ALA A 840 -9.64 34.19 18.62
CA ALA A 840 -10.82 34.92 19.09
C ALA A 840 -11.80 33.97 19.79
N ILE A 841 -12.05 32.82 19.16
CA ILE A 841 -12.90 31.81 19.76
C ILE A 841 -12.33 31.41 21.12
N GLY A 842 -11.01 31.25 21.17
CA GLY A 842 -10.35 30.89 22.42
C GLY A 842 -10.61 31.95 23.47
N GLY A 843 -10.23 33.18 23.16
CA GLY A 843 -10.53 34.33 24.01
C GLY A 843 -11.91 34.22 24.60
N TYR A 844 -12.92 34.11 23.76
CA TYR A 844 -14.29 34.13 24.23
C TYR A 844 -14.60 32.97 25.17
N VAL A 845 -14.08 31.78 24.86
CA VAL A 845 -14.33 30.61 25.69
C VAL A 845 -13.67 30.76 27.07
N GLY A 846 -12.45 31.28 27.07
CA GLY A 846 -11.72 31.48 28.31
C GLY A 846 -12.36 32.52 29.22
N ALA A 847 -12.86 33.59 28.59
CA ALA A 847 -13.58 34.63 29.29
C ALA A 847 -14.90 34.13 29.85
N ALA A 848 -15.63 33.37 29.04
CA ALA A 848 -16.97 32.89 29.39
C ALA A 848 -16.96 32.00 30.63
N THR A 849 -15.88 31.22 30.77
CA THR A 849 -15.80 30.28 31.88
C THR A 849 -15.47 30.97 33.21
N VAL A 850 -14.46 31.84 33.20
CA VAL A 850 -14.19 32.70 34.36
C VAL A 850 -15.45 33.50 34.72
N GLY A 851 -15.99 34.23 33.75
CA GLY A 851 -17.19 35.03 33.91
C GLY A 851 -18.39 34.27 34.44
N ALA A 852 -18.45 32.97 34.15
CA ALA A 852 -19.53 32.12 34.65
C ALA A 852 -19.40 31.90 36.14
N ALA A 853 -18.16 31.69 36.59
CA ALA A 853 -17.84 31.54 38.00
C ALA A 853 -18.08 32.87 38.72
N ALA A 854 -17.48 33.94 38.19
CA ALA A 854 -17.59 35.28 38.76
C ALA A 854 -19.03 35.72 38.98
N TRP A 855 -19.91 35.39 38.03
CA TRP A 855 -21.33 35.78 38.09
C TRP A 855 -22.05 35.18 39.24
N TRP A 856 -21.67 33.95 39.58
CA TRP A 856 -22.21 33.30 40.77
C TRP A 856 -21.65 33.93 42.01
N PHE A 857 -20.36 34.29 41.97
CA PHE A 857 -19.69 34.98 43.07
C PHE A 857 -20.20 36.39 43.32
N MET A 858 -20.89 36.96 42.33
CA MET A 858 -21.41 38.32 42.43
C MET A 858 -22.92 38.36 42.24
N TYR A 859 -23.36 38.51 40.99
CA TYR A 859 -24.75 38.84 40.67
C TYR A 859 -25.75 37.69 40.87
N ALA A 860 -25.34 36.64 41.59
CA ALA A 860 -26.23 35.53 41.90
C ALA A 860 -26.44 35.36 43.40
N GLU A 861 -27.57 34.75 43.76
CA GLU A 861 -28.06 34.67 45.14
C GLU A 861 -27.26 33.70 45.99
N ASP A 862 -27.28 32.42 45.61
CA ASP A 862 -26.66 31.33 46.36
C ASP A 862 -25.29 31.68 46.94
N GLY A 863 -24.55 32.52 46.22
CA GLY A 863 -23.25 33.01 46.67
C GLY A 863 -23.31 34.49 47.03
N PRO A 864 -22.26 35.00 47.68
CA PRO A 864 -22.26 36.39 48.17
C PRO A 864 -22.59 37.38 47.07
N GLY A 865 -23.43 38.35 47.37
CA GLY A 865 -23.76 39.40 46.40
C GLY A 865 -22.68 40.46 46.30
N VAL A 866 -21.42 40.04 46.43
CA VAL A 866 -20.28 40.97 46.50
C VAL A 866 -19.83 41.51 45.13
N THR A 867 -20.63 42.41 44.56
CA THR A 867 -20.38 42.99 43.23
C THR A 867 -19.17 43.95 43.22
N TYR A 868 -18.27 43.74 42.25
CA TYR A 868 -17.02 44.48 42.14
C TYR A 868 -16.17 44.44 43.42
N HIS A 869 -16.55 43.53 44.32
CA HIS A 869 -15.79 43.26 45.53
C HIS A 869 -14.41 42.81 45.16
N GLN A 870 -14.33 42.12 44.02
CA GLN A 870 -13.08 41.67 43.44
C GLN A 870 -12.27 40.78 44.39
N LEU A 871 -12.53 39.48 44.26
CA LEU A 871 -11.88 38.44 45.03
C LEU A 871 -10.39 38.45 44.74
N THR A 872 -10.02 39.25 43.75
CA THR A 872 -8.64 39.53 43.34
C THR A 872 -7.73 39.74 44.54
N HIS A 873 -8.16 40.69 45.39
CA HIS A 873 -7.32 41.26 46.43
C HIS A 873 -6.61 40.25 47.27
N PHE A 874 -7.37 39.43 48.01
CA PHE A 874 -6.73 38.42 48.87
C PHE A 874 -7.30 37.01 48.72
N MET A 875 -6.39 36.05 48.89
CA MET A 875 -6.74 34.64 48.92
C MET A 875 -5.98 33.94 50.05
N GLN A 876 -5.46 34.76 50.97
CA GLN A 876 -4.76 34.25 52.15
C GLN A 876 -5.69 34.23 53.38
N CYS A 877 -6.52 35.26 53.51
CA CYS A 877 -7.46 35.43 54.63
C CYS A 877 -6.76 35.70 55.98
N THR A 878 -5.53 36.22 55.93
CA THR A 878 -4.73 36.47 57.15
C THR A 878 -4.96 37.89 57.70
N GLU A 879 -5.82 38.67 57.04
CA GLU A 879 -6.18 40.00 57.52
C GLU A 879 -7.67 40.12 57.86
N ASP A 880 -8.51 39.43 57.10
CA ASP A 880 -9.94 39.29 57.41
C ASP A 880 -10.67 40.65 57.45
N HIS A 881 -10.36 41.52 56.48
CA HIS A 881 -10.91 42.88 56.44
C HIS A 881 -12.31 43.03 55.88
N PRO A 882 -12.52 42.68 54.58
CA PRO A 882 -13.79 43.03 53.90
C PRO A 882 -15.07 42.47 54.53
N HIS A 883 -15.10 41.15 54.77
CA HIS A 883 -16.23 40.50 55.45
C HIS A 883 -16.01 40.60 56.94
N PHE A 884 -16.39 41.75 57.50
CA PHE A 884 -16.16 42.06 58.93
C PHE A 884 -17.02 41.21 59.88
N GLU A 885 -18.34 41.29 59.72
CA GLU A 885 -19.28 40.56 60.57
C GLU A 885 -19.62 39.18 59.97
N GLY A 886 -19.16 38.12 60.65
CA GLY A 886 -19.35 36.74 60.18
C GLY A 886 -18.03 36.00 60.06
N LEU A 887 -17.96 34.82 60.71
CA LEU A 887 -16.73 34.00 60.67
C LEU A 887 -16.76 32.99 59.52
N ASP A 888 -16.83 33.51 58.28
CA ASP A 888 -16.80 32.68 57.07
C ASP A 888 -15.83 33.24 56.02
N CYS A 889 -14.95 32.37 55.52
CA CYS A 889 -13.93 32.77 54.54
C CYS A 889 -13.62 31.65 53.53
N GLU A 890 -14.31 30.51 53.65
CA GLU A 890 -14.05 29.38 52.76
C GLU A 890 -15.08 29.21 51.63
N ILE A 891 -15.90 30.25 51.41
CA ILE A 891 -16.86 30.29 50.32
C ILE A 891 -16.14 30.41 48.97
N PHE A 892 -14.88 30.81 49.01
CA PHE A 892 -14.02 30.92 47.84
C PHE A 892 -13.82 29.58 47.14
N GLU A 893 -14.07 28.51 47.86
CA GLU A 893 -13.90 27.16 47.32
C GLU A 893 -15.22 26.44 47.08
N ALA A 894 -16.32 27.19 47.15
CA ALA A 894 -17.65 26.69 46.85
C ALA A 894 -17.69 25.95 45.50
N PRO A 895 -18.38 24.78 45.47
CA PRO A 895 -18.39 23.97 44.26
C PRO A 895 -19.31 24.53 43.17
N GLU A 896 -20.17 25.49 43.54
CA GLU A 896 -21.11 26.11 42.61
C GLU A 896 -20.43 26.89 41.47
N PRO A 897 -19.46 27.79 41.80
CA PRO A 897 -18.80 28.55 40.73
C PRO A 897 -18.09 27.67 39.70
N MET A 898 -17.29 26.71 40.18
CA MET A 898 -16.64 25.73 39.31
C MET A 898 -17.65 25.06 38.39
N THR A 899 -18.77 24.64 38.98
CA THR A 899 -19.84 23.96 38.24
C THR A 899 -20.45 24.88 37.19
N MET A 900 -20.42 26.19 37.44
CA MET A 900 -20.86 27.17 36.47
C MET A 900 -19.88 27.22 35.31
N ALA A 901 -18.60 27.35 35.63
CA ALA A 901 -17.53 27.40 34.63
C ALA A 901 -17.50 26.14 33.75
N LEU A 902 -17.46 24.98 34.41
CA LEU A 902 -17.41 23.70 33.74
C LEU A 902 -18.60 23.47 32.83
N SER A 903 -19.81 23.77 33.29
CA SER A 903 -21.01 23.65 32.46
C SER A 903 -20.99 24.62 31.28
N VAL A 904 -20.38 25.78 31.48
CA VAL A 904 -20.18 26.71 30.37
C VAL A 904 -19.23 26.09 29.36
N LEU A 905 -18.08 25.62 29.81
CA LEU A 905 -17.14 24.96 28.90
C LEU A 905 -17.85 23.87 28.10
N VAL A 906 -18.35 22.87 28.81
CA VAL A 906 -19.08 21.77 28.21
C VAL A 906 -20.12 22.28 27.19
N THR A 907 -20.94 23.24 27.59
CA THR A 907 -22.01 23.73 26.73
C THR A 907 -21.44 24.48 25.53
N ILE A 908 -20.43 25.33 25.76
CA ILE A 908 -19.79 26.02 24.66
C ILE A 908 -19.23 25.04 23.62
N GLU A 909 -18.51 24.03 24.10
CA GLU A 909 -17.86 23.06 23.20
C GLU A 909 -18.84 22.22 22.41
N MET A 910 -20.00 21.91 22.99
CA MET A 910 -21.07 21.29 22.22
C MET A 910 -21.51 22.24 21.10
N CYS A 911 -21.55 23.54 21.40
CA CYS A 911 -21.93 24.55 20.42
C CYS A 911 -20.86 24.67 19.37
N ASN A 912 -19.60 24.67 19.82
CA ASN A 912 -18.48 24.78 18.91
C ASN A 912 -18.27 23.53 18.05
N ALA A 913 -18.83 22.40 18.50
CA ALA A 913 -18.87 21.17 17.69
C ALA A 913 -19.78 21.37 16.48
N LEU A 914 -20.84 22.15 16.67
CA LEU A 914 -21.73 22.52 15.54
C LEU A 914 -21.07 23.52 14.59
N ASN A 915 -20.27 24.44 15.14
CA ASN A 915 -19.50 25.39 14.35
C ASN A 915 -18.42 24.68 13.54
N SER A 916 -18.24 23.40 13.84
CA SER A 916 -17.21 22.60 13.20
C SER A 916 -17.71 21.68 12.09
N LEU A 917 -19.02 21.67 11.84
CA LEU A 917 -19.59 20.94 10.70
C LEU A 917 -19.00 21.34 9.35
N SER A 918 -18.57 22.59 9.26
CA SER A 918 -18.01 23.11 8.03
C SER A 918 -17.05 24.21 8.41
N GLU A 919 -15.94 24.29 7.68
CA GLU A 919 -14.92 25.30 7.94
C GLU A 919 -15.50 26.71 7.75
N ASN A 920 -16.21 26.92 6.64
CA ASN A 920 -16.66 28.26 6.28
C ASN A 920 -18.15 28.46 6.05
N GLN A 921 -18.91 27.37 5.91
CA GLN A 921 -20.34 27.46 5.62
C GLN A 921 -21.17 27.65 6.87
N SER A 922 -22.08 28.62 6.82
CA SER A 922 -22.94 28.93 7.96
C SER A 922 -23.84 27.76 8.34
N LEU A 923 -24.29 27.76 9.58
CA LEU A 923 -25.29 26.81 10.00
C LEU A 923 -26.64 27.08 9.32
N MET A 924 -26.75 28.28 8.71
CA MET A 924 -27.88 28.59 7.83
C MET A 924 -27.81 27.74 6.57
N ARG A 925 -26.63 27.64 5.98
CA ARG A 925 -26.41 26.87 4.74
C ARG A 925 -26.24 25.37 4.98
N MET A 926 -25.41 25.00 5.96
CA MET A 926 -25.22 23.60 6.30
C MET A 926 -25.70 23.36 7.73
N PRO A 927 -26.96 22.91 7.87
CA PRO A 927 -27.64 22.83 9.16
C PRO A 927 -27.05 21.75 10.05
N PRO A 928 -27.20 21.89 11.38
CA PRO A 928 -26.72 20.92 12.36
C PRO A 928 -27.08 19.49 12.03
N TRP A 929 -28.31 19.25 11.55
CA TRP A 929 -28.79 17.88 11.33
C TRP A 929 -28.16 17.18 10.15
N VAL A 930 -27.30 17.90 9.42
CA VAL A 930 -26.45 17.32 8.37
C VAL A 930 -25.60 16.11 8.85
N ASN A 931 -25.43 16.01 10.17
CA ASN A 931 -24.61 14.97 10.79
C ASN A 931 -25.32 14.46 12.04
N ILE A 932 -26.20 13.48 11.86
CA ILE A 932 -26.96 12.91 12.97
C ILE A 932 -26.05 12.35 14.06
N TRP A 933 -24.91 11.78 13.66
CA TRP A 933 -23.95 11.28 14.64
C TRP A 933 -23.48 12.37 15.56
N LEU A 934 -23.26 13.56 15.02
CA LEU A 934 -22.90 14.70 15.86
C LEU A 934 -24.03 15.06 16.84
N LEU A 935 -25.27 15.12 16.35
CA LEU A 935 -26.40 15.39 17.24
C LEU A 935 -26.49 14.37 18.35
N GLY A 936 -26.44 13.08 17.99
CA GLY A 936 -26.42 11.99 18.96
C GLY A 936 -25.29 12.12 19.96
N SER A 937 -24.10 12.48 19.47
CA SER A 937 -22.91 12.58 20.31
C SER A 937 -23.11 13.61 21.40
N ILE A 938 -23.71 14.75 21.02
CA ILE A 938 -23.93 15.85 21.96
C ILE A 938 -24.89 15.47 23.08
N CYS A 939 -26.02 14.86 22.73
CA CYS A 939 -26.97 14.32 23.73
C CYS A 939 -26.26 13.39 24.71
N LEU A 940 -25.35 12.56 24.20
CA LEU A 940 -24.60 11.62 25.04
C LEU A 940 -23.65 12.35 26.03
N SER A 941 -22.86 13.30 25.52
CA SER A 941 -21.93 14.10 26.31
C SER A 941 -22.60 14.92 27.40
N MET A 942 -23.79 15.43 27.11
CA MET A 942 -24.56 16.15 28.13
C MET A 942 -25.07 15.19 29.20
N SER A 943 -25.63 14.05 28.78
CA SER A 943 -26.07 13.03 29.73
C SER A 943 -24.91 12.64 30.66
N LEU A 944 -23.71 12.61 30.10
CA LEU A 944 -22.51 12.31 30.87
C LEU A 944 -22.11 13.43 31.81
N HIS A 945 -22.42 14.66 31.44
CA HIS A 945 -22.11 15.78 32.31
C HIS A 945 -23.03 15.72 33.50
N PHE A 946 -24.29 15.40 33.26
CA PHE A 946 -25.27 15.24 34.33
C PHE A 946 -24.91 14.06 35.20
N LEU A 947 -24.21 13.10 34.60
CA LEU A 947 -23.81 11.89 35.31
C LEU A 947 -22.83 12.24 36.42
N ILE A 948 -21.82 13.02 36.06
CA ILE A 948 -20.81 13.48 37.02
C ILE A 948 -21.39 14.51 38.01
N LEU A 949 -22.50 15.13 37.65
CA LEU A 949 -23.16 16.11 38.51
C LEU A 949 -24.02 15.51 39.62
N TYR A 950 -24.59 14.33 39.37
CA TYR A 950 -25.51 13.74 40.33
C TYR A 950 -25.03 12.46 41.01
N VAL A 951 -24.36 11.57 40.27
CA VAL A 951 -24.06 10.21 40.79
C VAL A 951 -22.96 10.25 41.84
N ASP A 952 -23.39 10.25 43.10
CA ASP A 952 -22.61 10.62 44.32
C ASP A 952 -21.07 10.60 44.32
N PRO A 953 -20.44 9.46 44.00
CA PRO A 953 -18.97 9.50 44.05
C PRO A 953 -18.39 10.59 43.13
N LEU A 954 -18.97 10.72 41.94
CA LEU A 954 -18.45 11.63 40.91
C LEU A 954 -18.49 13.13 41.27
N PRO A 955 -19.65 13.65 41.75
CA PRO A 955 -19.67 15.08 42.08
C PRO A 955 -18.67 15.51 43.16
N MET A 956 -18.24 14.58 44.01
CA MET A 956 -17.23 14.85 45.02
C MET A 956 -15.85 14.85 44.36
N ILE A 957 -15.61 13.83 43.55
CA ILE A 957 -14.35 13.67 42.81
C ILE A 957 -14.01 14.88 41.93
N PHE A 958 -15.02 15.40 41.23
CA PHE A 958 -14.83 16.53 40.32
C PHE A 958 -15.02 17.87 41.01
N LYS A 959 -15.61 17.85 42.20
CA LYS A 959 -15.84 19.04 43.02
C LYS A 959 -16.97 19.89 42.43
N LEU A 960 -18.14 19.27 42.30
CA LEU A 960 -19.27 19.88 41.63
C LEU A 960 -20.57 19.83 42.45
N LYS A 961 -21.53 20.69 42.11
CA LYS A 961 -22.91 20.63 42.66
C LYS A 961 -23.95 20.99 41.60
N ALA A 962 -25.04 20.20 41.56
CA ALA A 962 -26.19 20.43 40.68
C ALA A 962 -26.61 21.89 40.61
N LEU A 963 -26.97 22.33 39.41
CA LEU A 963 -27.32 23.73 39.19
C LEU A 963 -28.82 24.02 39.21
N ASP A 964 -29.15 25.22 39.69
CA ASP A 964 -30.51 25.76 39.67
C ASP A 964 -30.92 26.06 38.22
N LEU A 965 -32.20 25.89 37.90
CA LEU A 965 -32.69 26.21 36.54
C LEU A 965 -32.27 27.61 36.11
N THR A 966 -32.19 28.53 37.09
CA THR A 966 -31.65 29.87 36.87
C THR A 966 -30.21 29.78 36.39
N GLN A 967 -29.39 29.05 37.15
CA GLN A 967 -27.97 28.89 36.86
C GLN A 967 -27.72 28.23 35.50
N TRP A 968 -28.46 27.15 35.22
CA TRP A 968 -28.47 26.52 33.90
C TRP A 968 -28.90 27.47 32.82
N LEU A 969 -29.96 28.23 33.09
CA LEU A 969 -30.45 29.20 32.12
C LEU A 969 -29.41 30.30 31.85
N MET A 970 -28.52 30.55 32.81
CA MET A 970 -27.39 31.47 32.60
C MET A 970 -26.29 30.86 31.76
N VAL A 971 -25.92 29.62 32.10
CA VAL A 971 -24.95 28.81 31.34
C VAL A 971 -25.27 28.92 29.85
N LEU A 972 -26.55 28.82 29.49
CA LEU A 972 -26.98 28.90 28.10
C LEU A 972 -26.75 30.30 27.53
N LYS A 973 -27.20 31.31 28.27
CA LYS A 973 -27.05 32.69 27.84
C LYS A 973 -25.61 32.98 27.47
N ILE A 974 -24.66 32.41 28.22
CA ILE A 974 -23.24 32.71 28.00
C ILE A 974 -22.56 31.73 27.01
N SER A 975 -23.25 30.64 26.69
CA SER A 975 -22.72 29.64 25.75
C SER A 975 -23.18 29.89 24.31
N LEU A 976 -24.49 30.04 24.11
CA LEU A 976 -25.07 30.22 22.77
C LEU A 976 -24.42 31.28 21.87
N PRO A 977 -23.98 32.43 22.44
CA PRO A 977 -23.34 33.48 21.62
C PRO A 977 -22.06 33.08 20.88
N VAL A 978 -21.39 32.00 21.32
CA VAL A 978 -20.22 31.46 20.60
C VAL A 978 -20.58 31.10 19.16
N ILE A 979 -21.81 30.62 18.99
CA ILE A 979 -22.35 30.29 17.69
C ILE A 979 -22.40 31.53 16.81
N GLY A 980 -22.91 32.63 17.36
CA GLY A 980 -23.00 33.91 16.65
C GLY A 980 -21.62 34.42 16.29
N LEU A 981 -20.67 34.28 17.22
CA LEU A 981 -19.30 34.71 17.00
C LEU A 981 -18.64 34.04 15.79
N ASP A 982 -18.77 32.73 15.69
CA ASP A 982 -18.12 32.01 14.60
C ASP A 982 -18.86 32.30 13.29
N GLU A 983 -20.17 32.50 13.38
CA GLU A 983 -20.98 32.81 12.21
C GLU A 983 -20.49 34.09 11.57
N ILE A 984 -20.20 35.09 12.42
CA ILE A 984 -19.62 36.36 12.00
C ILE A 984 -18.25 36.12 11.34
N LEU A 985 -17.41 35.31 11.98
CA LEU A 985 -16.05 35.08 11.47
C LEU A 985 -16.05 34.33 10.15
N LYS A 986 -16.87 33.28 10.06
CA LYS A 986 -17.08 32.59 8.79
C LYS A 986 -17.58 33.56 7.70
N PHE A 987 -18.48 34.47 8.07
CA PHE A 987 -18.98 35.49 7.13
C PHE A 987 -17.84 36.34 6.57
N ILE A 988 -16.85 36.63 7.41
CA ILE A 988 -15.73 37.45 7.00
C ILE A 988 -14.80 36.67 6.07
N ALA A 989 -14.77 35.36 6.26
CA ALA A 989 -13.96 34.48 5.42
C ALA A 989 -14.59 34.26 4.03
N ARG A 990 -15.91 34.08 3.99
CA ARG A 990 -16.61 33.85 2.73
C ARG A 990 -16.59 35.09 1.84
N ASN A 991 -16.76 36.25 2.44
CA ASN A 991 -17.00 37.47 1.70
C ASN A 991 -15.81 38.39 1.47
N TYR A 992 -14.82 38.37 2.37
CA TYR A 992 -13.71 39.32 2.25
C TYR A 992 -12.33 38.68 2.18
N LEU A 993 -12.29 37.39 1.87
CA LEU A 993 -11.02 36.70 1.65
C LEU A 993 -10.98 35.87 0.36
N GLU A 994 -12.14 35.33 -0.03
CA GLU A 994 -12.26 34.49 -1.23
C GLU A 994 -11.94 35.26 -2.53
N GLY A 995 -10.65 35.29 -2.87
CA GLY A 995 -10.16 35.99 -4.05
C GLY A 995 -9.45 35.06 -5.04
NA NA B . 5.56 1.80 1.37
C1 PTY C . -4.57 5.93 23.72
C2 PTY C . 0.04 8.91 18.58
C3 PTY C . -0.22 7.42 18.79
O4 PTY C . -5.39 7.04 24.11
C5 PTY C . -4.35 6.09 21.21
C6 PTY C . -4.99 5.32 22.36
O7 PTY C . -6.42 5.35 22.22
C8 PTY C . -7.06 4.07 21.91
O10 PTY C . -7.07 3.66 20.75
C11 PTY C . -7.73 3.27 23.00
C30 PTY C . -5.66 7.34 25.51
C31 PTY C . -6.90 6.81 26.20
O30 PTY C . -4.87 8.04 26.14
P1 PTY C . -1.97 5.83 19.96
O11 PTY C . -1.26 7.26 19.75
O12 PTY C . -2.84 5.58 18.74
O13 PTY C . -0.88 4.84 20.31
O14 PTY C . -2.91 6.02 21.26
N1 PTY C . -0.33 9.24 17.21
C1 PTY D . -24.96 34.26 7.90
C2 PTY D . -24.01 36.90 0.10
C3 PTY D . -22.95 36.48 1.14
O4 PTY D . -25.44 35.27 8.80
C5 PTY D . -24.68 35.28 5.60
C6 PTY D . -25.54 34.36 6.48
O7 PTY D . -26.91 34.79 6.49
C8 PTY D . -27.91 33.81 6.04
O10 PTY D . -27.63 32.93 5.25
C11 PTY D . -29.33 33.89 6.59
C30 PTY D . -24.72 35.68 10.02
C31 PTY D . -25.33 35.47 11.39
O30 PTY D . -23.63 36.22 9.93
P1 PTY D . -23.87 34.92 3.00
O11 PTY D . -23.56 36.38 2.44
O12 PTY D . -24.58 34.16 1.91
O13 PTY D . -22.54 34.42 3.52
O14 PTY D . -24.97 35.14 4.20
N1 PTY D . -24.71 38.08 0.56
C1 PTY E . 2.64 43.27 34.94
C2 PTY E . -1.00 40.33 39.58
C3 PTY E . -1.11 41.86 39.72
O4 PTY E . 3.88 42.56 34.82
C5 PTY E . 2.33 44.59 37.08
C6 PTY E . 2.83 44.63 35.62
O7 PTY E . 2.10 45.63 34.90
C8 PTY E . 2.90 46.40 33.94
O10 PTY E . 3.70 47.24 34.36
C11 PTY E . 2.75 46.22 32.43
C30 PTY E . 4.54 42.39 33.53
C31 PTY E . 3.92 41.54 32.44
O30 PTY E . 5.63 42.93 33.34
P1 PTY E . 0.14 43.88 38.46
O11 PTY E . -0.52 42.41 38.53
O12 PTY E . -0.95 44.87 38.07
O13 PTY E . 0.92 44.10 39.73
O14 PTY E . 1.17 43.75 37.23
N1 PTY E . -2.22 39.75 40.11
C1 PTY F . -2.32 36.06 9.83
C2 PTY F . 1.06 32.16 3.96
C3 PTY F . -0.22 33.03 4.05
O4 PTY F . -1.91 37.26 10.48
C5 PTY F . -1.75 36.41 7.43
C6 PTY F . -2.90 36.35 8.44
O7 PTY F . -3.63 37.58 8.44
C8 PTY F . -5.02 37.47 8.88
O10 PTY F . -5.82 36.84 8.19
C11 PTY F . -5.48 38.14 10.17
C30 PTY F . -1.74 37.28 11.92
C31 PTY F . -2.91 37.48 12.87
O30 PTY F . -0.62 37.13 12.35
P1 PTY F . -1.63 34.21 5.94
O11 PTY F . -0.22 33.69 5.33
O12 PTY F . -2.27 35.10 4.91
O13 PTY F . -2.37 32.97 6.44
O14 PTY F . -1.19 35.11 7.22
N1 PTY F . 0.99 31.30 2.77
C1 PTY G . -32.50 19.29 37.89
C2 PTY G . -37.41 20.46 42.67
C3 PTY G . -36.60 21.66 42.18
O4 PTY G . -33.20 18.31 37.10
C5 PTY G . -33.92 21.34 38.16
C6 PTY G . -32.75 20.72 37.39
O7 PTY G . -33.05 20.72 35.98
C8 PTY G . -32.55 21.87 35.20
O10 PTY G . -32.19 22.90 35.76
C11 PTY G . -32.51 21.78 33.67
C30 PTY G . -32.54 17.07 36.67
C31 PTY G . -32.47 16.73 35.19
O30 PTY G . -32.05 16.31 37.51
P1 PTY G . -34.50 22.19 40.62
O11 PTY G . -35.81 21.32 41.02
O12 PTY G . -34.95 23.44 39.88
O13 PTY G . -33.64 22.33 41.86
O14 PTY G . -33.70 21.24 39.58
N1 PTY G . -38.80 20.93 42.99
S SO4 H . 3.11 -8.42 -18.51
O1 SO4 H . 3.68 -7.73 -17.31
O2 SO4 H . 2.17 -9.47 -18.05
O3 SO4 H . 2.39 -7.44 -19.36
O4 SO4 H . 4.23 -9.01 -19.26
S SO4 I . 7.44 -8.32 -29.68
O1 SO4 I . 6.00 -8.55 -29.35
O2 SO4 I . 8.31 -8.90 -28.62
O3 SO4 I . 7.72 -6.87 -29.78
O4 SO4 I . 7.75 -8.96 -30.99
#